data_2P1Q
#
_entry.id   2P1Q
#
_cell.length_a   101.207
_cell.length_b   82.472
_cell.length_c   125.053
_cell.angle_alpha   90.00
_cell.angle_beta   104.05
_cell.angle_gamma   90.00
#
_symmetry.space_group_name_H-M   'C 1 2 1'
#
loop_
_entity.id
_entity.type
_entity.pdbx_description
1 polymer 'SKP1-like protein 1A'
2 polymer 'TRANSPORT INHIBITOR RESPONSE 1 protein'
3 polymer 'Auxin-responsive protein IAA7'
4 non-polymer 'INOSITOL HEXAKISPHOSPHATE'
5 non-polymer '1H-INDOL-3-YLACETIC ACID'
6 water water
#
loop_
_entity_poly.entity_id
_entity_poly.type
_entity_poly.pdbx_seq_one_letter_code
_entity_poly.pdbx_strand_id
1 'polypeptide(L)'
;MSAKKIVLKSSDGESFEVEEAVALESQTIAHMVEDDCVDNGVPLPNVTSKILAKVIEYCKRHVEAAASKAEAVEGAATSD
DDLKAWDADFMKIDQATLFELILAANYLNIKNLLDLTCQTVADMIKGKTPEEIRTTFNIKNDFTPEEEEEVRRENQWAFE
;
A
2 'polypeptide(L)'
;MQKRIALSFPEEVLEHVFSFIQLDKDRNSVSLVCKSWYEIERWCRRKVFIGNCYAVSPATVIRRFPKVRSVELKGKPHFA
DFNLVPDGWGGYVYPWIEAMSSSYTWLEEIRLKRMVVTDDCLELIAKSFKNFKVLVLSSCEGFSTDGLAAIAATCRNLKE
LDLRESDVDDVSGHWLSHFPDTYTSLVSLNISCLASEVSFSALERLVTRCPNLKSLKLNRAVPLEKLATLLQRAPQLEEL
GTGGYTAEVRPDVYSGLSVALSGCKELRCLSGFWDAVPAYLPAVYSVCSRLTTLNLSYATVQSYDLVKLLCQCPKLQRLW
VLDYIEDAGLEVLASTCKDLRELRVFPSEPFVMEPNVALTEQGLVSVSMGCPKLESVLYFCRQMTNAALITIARNRPNMT
RFRLCIIEPKAPDYLTLEPLDIGFGAIVEHCKDLRRLSLSGLLTDKVFEYIGTYAKKMEMLSVAFAGDSDLGMHHVLSGC
DSLRKLEIRDCPFGDKALLANASKLETMRSLWMSSCSVSFGACKLLGQKMPKLNVEVIDERGAPDSRPESCPVERVFIYR
TVAGPRFDMPGFVWNMDQDSTMRFSRQIITTNGL
;
B
3 'polypeptide(L)' QVVGWPPVRNYRK C
#
loop_
_chem_comp.id
_chem_comp.type
_chem_comp.name
_chem_comp.formula
IAC non-polymer '1H-INDOL-3-YLACETIC ACID' 'C10 H9 N O2'
IHP non-polymer 'INOSITOL HEXAKISPHOSPHATE' 'C6 H18 O24 P6'
#
# COMPACT_ATOMS: atom_id res chain seq x y z
N LYS A 5 -34.56 35.90 22.57
CA LYS A 5 -35.41 36.77 21.69
C LYS A 5 -36.40 35.89 20.92
N ILE A 6 -36.13 34.58 20.89
CA ILE A 6 -37.01 33.66 20.18
C ILE A 6 -37.56 32.57 21.09
N VAL A 7 -38.87 32.37 21.02
CA VAL A 7 -39.54 31.29 21.75
C VAL A 7 -39.75 30.08 20.84
N LEU A 8 -39.23 28.94 21.31
CA LEU A 8 -39.42 27.65 20.65
C LEU A 8 -40.43 26.83 21.45
N LYS A 9 -41.35 26.19 20.75
CA LYS A 9 -42.34 25.31 21.41
C LYS A 9 -42.11 23.87 21.02
N SER A 10 -41.88 23.03 22.02
CA SER A 10 -41.64 21.61 21.82
C SER A 10 -42.93 20.84 21.48
N SER A 11 -42.79 19.57 21.11
CA SER A 11 -43.97 18.75 20.80
C SER A 11 -44.78 18.48 22.07
N ASP A 12 -44.18 18.77 23.22
CA ASP A 12 -44.90 18.65 24.50
C ASP A 12 -45.65 19.94 24.83
N GLY A 13 -45.52 20.93 23.95
CA GLY A 13 -46.24 22.21 24.09
C GLY A 13 -45.65 23.14 25.14
N GLU A 14 -44.38 22.92 25.46
CA GLU A 14 -43.66 23.72 26.47
C GLU A 14 -42.77 24.71 25.78
N SER A 15 -42.73 25.93 26.31
CA SER A 15 -42.02 27.01 25.66
C SER A 15 -40.62 27.18 26.23
N PHE A 16 -39.67 27.38 25.31
CA PHE A 16 -38.26 27.61 25.59
C PHE A 16 -37.92 28.99 25.04
N GLU A 17 -37.21 29.78 25.83
CA GLU A 17 -36.78 31.09 25.36
C GLU A 17 -35.25 31.13 25.16
N VAL A 18 -34.84 31.39 23.93
CA VAL A 18 -33.43 31.35 23.58
C VAL A 18 -33.01 32.62 22.83
N GLU A 19 -31.74 32.97 22.98
CA GLU A 19 -31.16 34.09 22.25
C GLU A 19 -31.26 33.80 20.77
N GLU A 20 -31.50 34.84 20.00
CA GLU A 20 -31.65 34.69 18.55
C GLU A 20 -30.54 33.86 17.93
N ALA A 21 -29.28 34.17 18.26
CA ALA A 21 -28.12 33.48 17.67
C ALA A 21 -28.13 31.98 17.97
N VAL A 22 -28.65 31.60 19.13
CA VAL A 22 -28.80 30.17 19.46
C VAL A 22 -29.85 29.50 18.56
N ALA A 23 -31.04 30.08 18.47
CA ALA A 23 -32.11 29.58 17.60
C ALA A 23 -31.69 29.49 16.13
N LEU A 24 -30.90 30.45 15.66
CA LEU A 24 -30.48 30.54 14.26
C LEU A 24 -29.37 29.55 13.90
N GLU A 25 -28.90 28.81 14.90
CA GLU A 25 -28.00 27.68 14.65
C GLU A 25 -28.71 26.55 13.89
N SER A 26 -30.03 26.51 14.03
CA SER A 26 -30.89 25.55 13.34
C SER A 26 -31.33 26.21 12.08
N GLN A 27 -31.03 25.59 10.94
CA GLN A 27 -31.44 26.15 9.66
C GLN A 27 -32.95 26.07 9.49
N THR A 28 -33.54 25.01 10.05
CA THR A 28 -34.99 24.84 10.05
C THR A 28 -35.70 25.97 10.82
N ILE A 29 -35.26 26.25 12.05
CA ILE A 29 -35.79 27.42 12.78
C ILE A 29 -35.49 28.73 12.02
N ALA A 30 -34.26 28.85 11.51
CA ALA A 30 -33.87 30.02 10.73
C ALA A 30 -34.90 30.35 9.65
N HIS A 31 -35.35 29.31 8.94
CA HIS A 31 -36.24 29.49 7.78
C HIS A 31 -37.67 29.86 8.20
N MET A 32 -38.14 29.21 9.27
CA MET A 32 -39.39 29.52 9.97
C MET A 32 -39.40 30.95 10.57
N VAL A 33 -38.31 31.32 11.25
CA VAL A 33 -38.06 32.71 11.71
C VAL A 33 -37.97 33.68 10.52
N ASP A 39 -43.99 36.85 16.37
CA ASP A 39 -43.52 35.66 17.07
C ASP A 39 -44.37 35.31 18.30
N ASN A 40 -45.36 34.44 18.09
CA ASN A 40 -46.09 33.82 19.20
C ASN A 40 -45.38 32.55 19.67
N GLY A 41 -44.46 32.05 18.84
CA GLY A 41 -43.68 30.84 19.14
C GLY A 41 -43.47 30.01 17.89
N VAL A 42 -42.30 29.41 17.77
CA VAL A 42 -41.98 28.53 16.66
C VAL A 42 -42.36 27.11 17.10
N PRO A 43 -43.47 26.55 16.58
CA PRO A 43 -43.81 25.18 17.00
C PRO A 43 -42.85 24.15 16.41
N LEU A 44 -42.44 23.18 17.23
CA LEU A 44 -41.53 22.12 16.77
C LEU A 44 -42.16 20.73 17.05
N PRO A 45 -43.09 20.30 16.18
CA PRO A 45 -43.85 19.07 16.45
C PRO A 45 -43.05 17.75 16.48
N ASN A 46 -41.84 17.75 15.91
CA ASN A 46 -41.03 16.52 15.82
C ASN A 46 -39.89 16.44 16.84
N VAL A 47 -39.90 17.38 17.77
CA VAL A 47 -38.87 17.51 18.81
C VAL A 47 -39.50 17.66 20.21
N THR A 48 -39.18 16.68 21.01
CA THR A 48 -39.61 16.57 22.40
C THR A 48 -38.90 17.65 23.25
N SER A 49 -39.51 18.00 24.37
CA SER A 49 -38.83 18.90 25.31
C SER A 49 -37.50 18.40 25.84
N LYS A 50 -37.48 17.12 26.24
CA LYS A 50 -36.27 16.53 26.76
C LYS A 50 -35.17 16.79 25.73
N ILE A 51 -35.44 16.48 24.48
CA ILE A 51 -34.40 16.54 23.44
C ILE A 51 -34.16 17.98 22.95
N LEU A 52 -35.21 18.80 22.87
CA LEU A 52 -35.00 20.25 22.64
C LEU A 52 -34.10 20.90 23.74
N ALA A 53 -34.32 20.56 25.00
CA ALA A 53 -33.44 20.99 26.10
C ALA A 53 -31.96 20.71 25.79
N LYS A 54 -31.68 19.45 25.42
CA LYS A 54 -30.31 18.99 25.10
C LYS A 54 -29.74 19.74 23.88
N VAL A 55 -30.54 19.89 22.84
CA VAL A 55 -30.14 20.65 21.65
C VAL A 55 -29.76 22.10 21.99
N ILE A 56 -30.58 22.75 22.80
CA ILE A 56 -30.31 24.11 23.27
C ILE A 56 -29.02 24.19 24.09
N GLU A 57 -28.78 23.24 24.98
CA GLU A 57 -27.51 23.19 25.75
C GLU A 57 -26.33 23.27 24.79
N TYR A 58 -26.42 22.43 23.76
CA TYR A 58 -25.36 22.30 22.75
C TYR A 58 -25.14 23.59 21.98
N CYS A 59 -26.23 24.14 21.46
CA CYS A 59 -26.16 25.36 20.69
C CYS A 59 -25.71 26.58 21.51
N LYS A 60 -26.09 26.62 22.78
CA LYS A 60 -25.62 27.69 23.66
C LYS A 60 -24.11 27.60 23.84
N ARG A 61 -23.62 26.40 24.18
CA ARG A 61 -22.19 26.17 24.37
C ARG A 61 -21.40 26.47 23.10
N HIS A 62 -21.88 25.99 21.96
CA HIS A 62 -21.22 26.28 20.69
C HIS A 62 -21.54 27.67 20.17
N PHE A 90 -20.92 15.53 27.04
CA PHE A 90 -22.20 15.83 26.38
C PHE A 90 -22.79 14.60 25.69
N MET A 91 -21.91 13.78 25.11
CA MET A 91 -22.32 12.58 24.39
C MET A 91 -22.40 11.38 25.32
N LYS A 92 -22.04 11.59 26.57
CA LYS A 92 -22.24 10.60 27.61
C LYS A 92 -23.74 10.54 27.92
N ILE A 93 -24.49 9.99 26.96
CA ILE A 93 -25.93 9.84 27.02
C ILE A 93 -26.21 8.39 26.60
N ASP A 94 -27.41 7.89 26.89
CA ASP A 94 -27.73 6.50 26.54
C ASP A 94 -28.11 6.39 25.05
N GLN A 95 -28.29 5.15 24.60
CA GLN A 95 -28.55 4.87 23.19
C GLN A 95 -29.84 5.53 22.68
N ALA A 96 -30.95 5.34 23.40
CA ALA A 96 -32.24 5.95 23.04
C ALA A 96 -32.15 7.48 22.93
N THR A 97 -31.60 8.12 23.99
CA THR A 97 -31.42 9.59 24.01
C THR A 97 -30.57 10.06 22.79
N LEU A 98 -29.50 9.31 22.50
CA LEU A 98 -28.66 9.58 21.36
C LEU A 98 -29.45 9.53 20.01
N PHE A 99 -30.32 8.53 19.84
CA PHE A 99 -31.11 8.35 18.61
C PHE A 99 -32.19 9.42 18.49
N GLU A 100 -32.74 9.85 19.63
CA GLU A 100 -33.69 10.93 19.58
C GLU A 100 -32.92 12.22 19.13
N LEU A 101 -31.67 12.36 19.62
CA LEU A 101 -30.79 13.53 19.35
C LEU A 101 -30.36 13.69 17.89
N ILE A 102 -29.91 12.60 17.25
CA ILE A 102 -29.61 12.66 15.80
C ILE A 102 -30.84 13.03 15.00
N LEU A 103 -31.99 12.43 15.34
CA LEU A 103 -33.20 12.75 14.58
C LEU A 103 -33.52 14.23 14.69
N ALA A 104 -33.35 14.80 15.89
CA ALA A 104 -33.62 16.22 16.14
C ALA A 104 -32.62 17.12 15.38
N ALA A 105 -31.34 16.78 15.44
CA ALA A 105 -30.31 17.53 14.72
C ALA A 105 -30.58 17.54 13.21
N ASN A 106 -30.96 16.37 12.67
CA ASN A 106 -31.38 16.26 11.27
C ASN A 106 -32.63 17.09 10.94
N TYR A 107 -33.68 16.91 11.73
CA TYR A 107 -34.94 17.66 11.60
C TYR A 107 -34.74 19.18 11.72
N LEU A 108 -33.94 19.61 12.69
CA LEU A 108 -33.63 21.04 12.92
C LEU A 108 -32.51 21.56 12.02
N ASN A 109 -31.84 20.64 11.33
CA ASN A 109 -30.71 20.98 10.47
C ASN A 109 -29.65 21.83 11.18
N ILE A 110 -29.07 21.25 12.24
CA ILE A 110 -27.96 21.86 12.98
C ILE A 110 -26.72 21.03 12.58
N LYS A 111 -25.91 21.57 11.68
CA LYS A 111 -24.86 20.77 11.03
C LYS A 111 -23.78 20.26 12.00
N ASN A 112 -23.35 21.12 12.94
CA ASN A 112 -22.27 20.74 13.86
C ASN A 112 -22.73 19.69 14.85
N LEU A 113 -23.98 19.82 15.30
CA LEU A 113 -24.61 18.79 16.09
C LEU A 113 -24.80 17.50 15.28
N LEU A 114 -25.21 17.62 14.01
CA LEU A 114 -25.39 16.43 13.19
C LEU A 114 -24.05 15.71 13.03
N ASP A 115 -22.97 16.48 12.89
CA ASP A 115 -21.64 15.89 12.71
C ASP A 115 -21.22 15.10 13.93
N LEU A 116 -21.36 15.72 15.09
CA LEU A 116 -20.97 15.11 16.36
C LEU A 116 -21.78 13.83 16.62
N THR A 117 -23.11 13.94 16.49
CA THR A 117 -23.97 12.77 16.74
C THR A 117 -23.68 11.64 15.71
N CYS A 118 -23.50 12.00 14.44
CA CYS A 118 -23.17 10.97 13.42
C CYS A 118 -21.81 10.32 13.64
N GLN A 119 -20.82 11.10 14.09
CA GLN A 119 -19.50 10.57 14.37
C GLN A 119 -19.58 9.60 15.54
N THR A 120 -20.39 9.94 16.53
CA THR A 120 -20.57 9.08 17.68
C THR A 120 -21.17 7.72 17.30
N VAL A 121 -22.19 7.73 16.45
CA VAL A 121 -22.83 6.51 15.92
C VAL A 121 -21.85 5.70 15.04
N ALA A 122 -21.14 6.38 14.14
CA ALA A 122 -20.10 5.73 13.32
C ALA A 122 -19.08 5.01 14.19
N ASP A 123 -18.69 5.67 15.28
CA ASP A 123 -17.75 5.11 16.23
C ASP A 123 -18.28 3.84 16.92
N MET A 124 -19.60 3.70 17.00
CA MET A 124 -20.23 2.47 17.47
C MET A 124 -20.25 1.38 16.38
N ILE A 125 -19.91 1.75 15.15
CA ILE A 125 -19.89 0.82 14.02
C ILE A 125 -18.47 0.30 13.74
N LYS A 126 -17.49 1.20 13.85
CA LYS A 126 -16.09 0.88 13.55
C LYS A 126 -15.56 -0.31 14.34
N GLY A 127 -14.96 -1.26 13.62
CA GLY A 127 -14.31 -2.44 14.20
C GLY A 127 -15.23 -3.61 14.51
N LYS A 128 -16.52 -3.47 14.22
CA LYS A 128 -17.51 -4.47 14.62
C LYS A 128 -17.89 -5.38 13.47
N THR A 129 -18.30 -6.60 13.82
CA THR A 129 -18.87 -7.53 12.85
C THR A 129 -20.31 -7.11 12.56
N PRO A 130 -20.88 -7.56 11.41
CA PRO A 130 -22.28 -7.22 11.13
C PRO A 130 -23.20 -7.69 12.27
N GLU A 131 -22.89 -8.84 12.86
CA GLU A 131 -23.67 -9.39 13.97
C GLU A 131 -23.62 -8.50 15.24
N GLU A 132 -22.41 -8.03 15.58
CA GLU A 132 -22.22 -7.10 16.70
C GLU A 132 -22.93 -5.78 16.44
N ILE A 133 -22.93 -5.34 15.18
CA ILE A 133 -23.58 -4.10 14.80
C ILE A 133 -25.09 -4.18 15.00
N ARG A 134 -25.72 -5.21 14.44
CA ARG A 134 -27.16 -5.30 14.54
C ARG A 134 -27.66 -5.71 15.94
N THR A 135 -26.76 -6.23 16.77
CA THR A 135 -27.03 -6.34 18.22
C THR A 135 -27.07 -4.96 18.86
N THR A 136 -26.07 -4.13 18.58
CA THR A 136 -26.01 -2.78 19.16
C THR A 136 -27.18 -1.90 18.73
N PHE A 137 -27.60 -2.07 17.48
CA PHE A 137 -28.61 -1.21 16.86
C PHE A 137 -29.98 -1.87 16.81
N ASN A 138 -30.06 -3.10 17.30
CA ASN A 138 -31.28 -3.91 17.29
C ASN A 138 -31.90 -4.04 15.89
N ILE A 139 -31.06 -4.40 14.92
CA ILE A 139 -31.48 -4.57 13.54
C ILE A 139 -31.59 -6.05 13.21
N LYS A 140 -32.67 -6.42 12.52
CA LYS A 140 -32.83 -7.78 12.08
C LYS A 140 -32.15 -8.01 10.74
N ASN A 141 -31.39 -9.08 10.68
CA ASN A 141 -30.83 -9.53 9.43
C ASN A 141 -31.96 -10.02 8.54
N ASP A 142 -32.09 -9.38 7.37
CA ASP A 142 -33.16 -9.68 6.42
C ASP A 142 -32.60 -10.29 5.12
N PHE A 143 -31.36 -10.87 5.24
CA PHE A 143 -30.81 -11.56 4.13
C PHE A 143 -31.13 -13.03 4.26
N THR A 144 -31.32 -13.67 3.11
CA THR A 144 -31.22 -15.15 3.05
C THR A 144 -29.73 -15.51 3.34
N PRO A 145 -29.48 -16.72 3.90
CA PRO A 145 -28.07 -17.16 4.01
C PRO A 145 -27.34 -17.04 2.68
N GLU A 146 -28.01 -17.41 1.59
CA GLU A 146 -27.43 -17.38 0.23
C GLU A 146 -27.09 -15.95 -0.26
N GLU A 147 -28.04 -15.01 -0.07
CA GLU A 147 -27.77 -13.58 -0.32
C GLU A 147 -26.52 -13.11 0.45
N GLU A 148 -26.43 -13.45 1.74
CA GLU A 148 -25.36 -12.97 2.62
C GLU A 148 -23.99 -13.63 2.31
N GLU A 149 -24.02 -14.89 1.89
CA GLU A 149 -22.80 -15.57 1.46
C GLU A 149 -22.22 -14.91 0.20
N GLU A 150 -23.08 -14.58 -0.76
CA GLU A 150 -22.65 -13.94 -2.02
C GLU A 150 -21.97 -12.59 -1.72
N VAL A 151 -22.63 -11.77 -0.90
CA VAL A 151 -22.10 -10.45 -0.51
C VAL A 151 -20.78 -10.56 0.26
N ARG A 152 -20.74 -11.44 1.28
CA ARG A 152 -19.50 -11.63 2.07
C ARG A 152 -18.33 -12.08 1.21
N ARG A 153 -18.56 -13.06 0.35
CA ARG A 153 -17.52 -13.53 -0.56
C ARG A 153 -17.05 -12.39 -1.47
N GLU A 154 -17.97 -11.66 -2.06
CA GLU A 154 -17.56 -10.54 -2.85
C GLU A 154 -16.78 -9.48 -2.05
N ASN A 155 -17.27 -9.12 -0.86
CA ASN A 155 -16.57 -8.14 -0.02
C ASN A 155 -15.12 -8.52 0.24
N GLN A 156 -14.93 -9.76 0.69
CA GLN A 156 -13.59 -10.21 1.12
C GLN A 156 -12.70 -10.50 -0.04
N TRP A 157 -13.25 -11.11 -1.08
CA TRP A 157 -12.43 -11.57 -2.21
C TRP A 157 -12.01 -10.43 -3.15
N ALA A 158 -12.91 -9.46 -3.34
CA ALA A 158 -12.74 -8.37 -4.30
C ALA A 158 -12.37 -7.01 -3.67
N PHE A 159 -12.82 -6.73 -2.44
CA PHE A 159 -12.87 -5.34 -1.93
C PHE A 159 -12.15 -4.99 -0.62
N GLU A 160 -11.20 -5.83 -0.23
CA GLU A 160 -10.59 -5.73 1.08
C GLU A 160 -9.13 -6.12 0.96
N PHE B 9 -33.22 5.10 11.21
CA PHE B 9 -32.85 6.50 10.79
C PHE B 9 -33.26 6.81 9.34
N PRO B 10 -33.63 8.07 9.05
CA PRO B 10 -33.79 8.55 7.67
C PRO B 10 -32.52 8.25 6.86
N GLU B 11 -32.66 7.98 5.57
CA GLU B 11 -31.54 7.55 4.71
C GLU B 11 -30.40 8.57 4.67
N GLU B 12 -30.74 9.86 4.69
CA GLU B 12 -29.75 10.94 4.71
C GLU B 12 -28.89 10.89 5.99
N VAL B 13 -29.57 10.71 7.14
CA VAL B 13 -28.87 10.47 8.43
C VAL B 13 -27.87 9.29 8.33
N LEU B 14 -28.31 8.12 7.86
CA LEU B 14 -27.40 6.96 7.71
C LEU B 14 -26.24 7.17 6.72
N GLU B 15 -26.55 7.87 5.62
CA GLU B 15 -25.49 8.24 4.65
C GLU B 15 -24.44 9.13 5.35
N HIS B 16 -24.90 10.01 6.24
CA HIS B 16 -23.99 10.89 6.94
C HIS B 16 -23.15 10.15 7.98
N VAL B 17 -23.75 9.20 8.70
CA VAL B 17 -22.96 8.33 9.59
C VAL B 17 -21.83 7.65 8.82
N PHE B 18 -22.18 7.08 7.68
CA PHE B 18 -21.25 6.30 6.90
C PHE B 18 -20.11 7.14 6.32
N SER B 19 -20.32 8.46 6.22
CA SER B 19 -19.27 9.37 5.74
C SER B 19 -18.05 9.41 6.67
N PHE B 20 -18.25 9.01 7.92
CA PHE B 20 -17.16 8.94 8.90
C PHE B 20 -16.53 7.55 8.95
N ILE B 21 -16.95 6.67 8.04
CA ILE B 21 -16.47 5.30 8.04
C ILE B 21 -15.76 5.03 6.71
N GLN B 22 -14.43 5.03 6.74
CA GLN B 22 -13.63 5.00 5.52
C GLN B 22 -12.71 3.76 5.32
N LEU B 23 -12.60 2.90 6.33
CA LEU B 23 -11.78 1.69 6.20
C LEU B 23 -12.54 0.65 5.41
N ASP B 24 -11.88 -0.01 4.46
CA ASP B 24 -12.54 -0.98 3.61
C ASP B 24 -13.30 -2.02 4.44
N LYS B 25 -12.62 -2.57 5.44
CA LYS B 25 -13.15 -3.64 6.29
C LYS B 25 -14.42 -3.18 7.02
N ASP B 26 -14.47 -1.91 7.42
CA ASP B 26 -15.68 -1.39 8.07
C ASP B 26 -16.83 -1.17 7.08
N ARG B 27 -16.52 -0.65 5.89
CA ARG B 27 -17.54 -0.51 4.81
C ARG B 27 -18.18 -1.88 4.50
N ASN B 28 -17.34 -2.91 4.38
CA ASN B 28 -17.79 -4.27 4.15
C ASN B 28 -18.73 -4.84 5.24
N SER B 29 -18.38 -4.63 6.52
CA SER B 29 -19.23 -5.12 7.60
C SER B 29 -20.59 -4.38 7.55
N VAL B 30 -20.53 -3.07 7.33
CA VAL B 30 -21.72 -2.22 7.16
C VAL B 30 -22.66 -2.77 6.07
N SER B 31 -22.09 -3.11 4.91
CA SER B 31 -22.90 -3.60 3.79
C SER B 31 -23.64 -4.90 4.13
N LEU B 32 -23.20 -5.57 5.20
CA LEU B 32 -23.77 -6.86 5.60
C LEU B 32 -24.68 -6.81 6.82
N VAL B 33 -24.97 -5.63 7.36
CA VAL B 33 -25.86 -5.65 8.53
C VAL B 33 -27.32 -5.94 8.13
N CYS B 34 -27.80 -5.29 7.08
CA CYS B 34 -29.12 -5.59 6.51
C CYS B 34 -29.21 -5.09 5.06
N LYS B 35 -30.30 -5.46 4.38
CA LYS B 35 -30.50 -5.12 2.98
C LYS B 35 -30.48 -3.59 2.76
N SER B 36 -31.11 -2.85 3.67
CA SER B 36 -31.09 -1.39 3.59
C SER B 36 -29.69 -0.77 3.63
N TRP B 37 -28.88 -1.20 4.59
CA TRP B 37 -27.51 -0.74 4.72
C TRP B 37 -26.66 -1.09 3.51
N TYR B 38 -26.86 -2.27 2.96
CA TYR B 38 -26.20 -2.66 1.74
C TYR B 38 -26.39 -1.64 0.64
N GLU B 39 -27.62 -1.20 0.42
CA GLU B 39 -27.90 -0.27 -0.65
C GLU B 39 -27.40 1.15 -0.36
N ILE B 40 -27.52 1.58 0.88
CA ILE B 40 -27.07 2.90 1.24
C ILE B 40 -25.55 2.99 1.19
N GLU B 41 -24.89 2.01 1.79
CA GLU B 41 -23.40 1.94 1.76
C GLU B 41 -22.88 1.93 0.31
N ARG B 42 -23.43 1.06 -0.55
CA ARG B 42 -22.89 0.97 -1.90
C ARG B 42 -22.96 2.34 -2.60
N TRP B 43 -24.04 3.09 -2.35
CA TRP B 43 -24.24 4.33 -3.10
C TRP B 43 -23.45 5.53 -2.59
N CYS B 44 -22.85 5.42 -1.35
CA CYS B 44 -21.95 6.51 -0.99
C CYS B 44 -20.54 6.01 -0.67
N ARG B 45 -20.15 4.83 -1.16
CA ARG B 45 -18.77 4.36 -0.96
C ARG B 45 -17.86 5.17 -1.91
N ARG B 46 -16.70 5.69 -1.38
CA ARG B 46 -15.86 6.67 -2.08
C ARG B 46 -14.62 6.06 -2.74
N LYS B 47 -14.17 4.96 -2.18
CA LYS B 47 -12.95 4.31 -2.66
C LYS B 47 -13.10 2.81 -2.65
N VAL B 48 -12.49 2.17 -3.64
CA VAL B 48 -12.44 0.72 -3.67
C VAL B 48 -10.99 0.32 -3.83
N PHE B 49 -10.65 -0.75 -3.15
CA PHE B 49 -9.30 -1.30 -3.20
C PHE B 49 -9.44 -2.72 -3.72
N ILE B 50 -8.82 -2.99 -4.86
CA ILE B 50 -8.95 -4.26 -5.54
C ILE B 50 -7.50 -4.78 -5.65
N GLY B 51 -7.12 -5.60 -4.66
CA GLY B 51 -5.74 -6.17 -4.57
C GLY B 51 -5.38 -7.18 -5.62
N ASN B 52 -6.38 -7.71 -6.32
CA ASN B 52 -6.14 -8.64 -7.44
C ASN B 52 -7.16 -8.27 -8.49
N CYS B 53 -6.71 -7.60 -9.55
CA CYS B 53 -7.59 -7.13 -10.64
C CYS B 53 -8.49 -8.21 -11.26
N TYR B 54 -8.11 -9.48 -11.12
CA TYR B 54 -8.88 -10.62 -11.72
C TYR B 54 -9.79 -11.32 -10.72
N ALA B 55 -9.85 -10.78 -9.50
CA ALA B 55 -10.72 -11.33 -8.46
C ALA B 55 -12.17 -10.89 -8.69
N VAL B 56 -12.35 -9.92 -9.59
CA VAL B 56 -13.69 -9.36 -9.87
C VAL B 56 -13.65 -8.64 -11.20
N SER B 57 -14.81 -8.50 -11.84
CA SER B 57 -14.86 -7.79 -13.12
C SER B 57 -15.13 -6.27 -12.94
N PRO B 58 -14.69 -5.44 -13.91
CA PRO B 58 -15.04 -4.03 -13.85
C PRO B 58 -16.57 -3.82 -13.76
N ALA B 59 -17.36 -4.53 -14.57
CA ALA B 59 -18.82 -4.28 -14.58
C ALA B 59 -19.40 -4.47 -13.18
N THR B 60 -18.90 -5.47 -12.47
CA THR B 60 -19.41 -5.81 -11.14
C THR B 60 -19.14 -4.70 -10.13
N VAL B 61 -17.93 -4.15 -10.16
CA VAL B 61 -17.53 -3.05 -9.27
C VAL B 61 -18.36 -1.80 -9.58
N ILE B 62 -18.47 -1.46 -10.87
CA ILE B 62 -19.17 -0.23 -11.27
C ILE B 62 -20.67 -0.29 -11.00
N ARG B 63 -21.28 -1.47 -11.23
CA ARG B 63 -22.67 -1.68 -10.91
C ARG B 63 -22.96 -1.59 -9.40
N ARG B 64 -22.13 -2.22 -8.59
CA ARG B 64 -22.33 -2.18 -7.12
C ARG B 64 -22.04 -0.81 -6.51
N PHE B 65 -20.89 -0.22 -6.89
CA PHE B 65 -20.43 1.03 -6.29
C PHE B 65 -20.46 2.16 -7.32
N PRO B 66 -21.63 2.78 -7.54
CA PRO B 66 -21.70 3.74 -8.63
C PRO B 66 -21.03 5.11 -8.44
N LYS B 67 -20.71 5.49 -7.21
CA LYS B 67 -20.26 6.87 -6.94
C LYS B 67 -18.80 6.95 -6.50
N VAL B 68 -18.01 5.93 -6.83
CA VAL B 68 -16.59 5.86 -6.50
C VAL B 68 -15.80 7.03 -7.07
N ARG B 69 -14.94 7.61 -6.22
CA ARG B 69 -14.00 8.62 -6.69
C ARG B 69 -12.56 8.18 -6.66
N SER B 70 -12.27 7.07 -5.99
CA SER B 70 -10.89 6.62 -5.93
C SER B 70 -10.81 5.11 -6.14
N VAL B 71 -9.92 4.68 -7.05
CA VAL B 71 -9.79 3.24 -7.38
C VAL B 71 -8.31 2.85 -7.26
N GLU B 72 -8.07 1.76 -6.55
CA GLU B 72 -6.71 1.19 -6.54
C GLU B 72 -6.81 -0.24 -7.04
N LEU B 73 -5.93 -0.61 -7.99
CA LEU B 73 -5.92 -1.92 -8.60
C LEU B 73 -4.50 -2.44 -8.58
N LYS B 74 -4.34 -3.73 -8.34
CA LYS B 74 -3.02 -4.40 -8.41
C LYS B 74 -3.15 -5.56 -9.38
N GLY B 75 -2.10 -5.78 -10.19
CA GLY B 75 -2.17 -6.79 -11.27
C GLY B 75 -1.30 -8.00 -11.02
N LYS B 76 -0.12 -8.00 -11.63
CA LYS B 76 0.82 -9.14 -11.54
C LYS B 76 1.24 -9.41 -10.09
N PRO B 77 1.49 -10.71 -9.77
CA PRO B 77 2.02 -11.09 -8.45
C PRO B 77 3.43 -10.51 -8.22
N HIS B 78 3.83 -10.44 -6.96
CA HIS B 78 5.15 -9.92 -6.55
C HIS B 78 6.36 -10.51 -7.31
N PHE B 79 6.29 -11.81 -7.62
CA PHE B 79 7.45 -12.49 -8.27
C PHE B 79 7.67 -12.01 -9.72
N ALA B 80 6.72 -11.24 -10.26
CA ALA B 80 6.96 -10.57 -11.55
C ALA B 80 8.16 -9.64 -11.45
N ASP B 81 8.42 -9.11 -10.25
CA ASP B 81 9.60 -8.25 -10.04
C ASP B 81 10.93 -8.95 -10.28
N PHE B 82 10.90 -10.29 -10.21
CA PHE B 82 12.09 -11.08 -10.36
C PHE B 82 12.14 -11.86 -11.69
N ASN B 83 11.38 -11.42 -12.67
CA ASN B 83 11.38 -11.98 -13.99
C ASN B 83 10.81 -13.41 -14.05
N LEU B 84 9.96 -13.77 -13.09
CA LEU B 84 9.42 -15.14 -13.05
C LEU B 84 8.02 -15.23 -13.73
N VAL B 85 7.49 -14.08 -14.11
CA VAL B 85 6.25 -13.98 -14.88
C VAL B 85 6.56 -13.53 -16.31
N PRO B 86 6.38 -14.43 -17.31
CA PRO B 86 6.73 -14.05 -18.69
C PRO B 86 5.88 -12.89 -19.16
N ASP B 87 6.43 -12.11 -20.11
CA ASP B 87 5.73 -10.96 -20.67
C ASP B 87 4.44 -11.43 -21.33
N GLY B 88 3.41 -10.62 -21.21
CA GLY B 88 2.13 -10.92 -21.86
C GLY B 88 1.21 -11.71 -20.95
N TRP B 89 1.67 -12.07 -19.76
CA TRP B 89 0.83 -12.82 -18.82
C TRP B 89 -0.55 -12.17 -18.62
N GLY B 90 -0.57 -10.85 -18.44
CA GLY B 90 -1.83 -10.15 -18.14
C GLY B 90 -1.61 -8.89 -17.32
N GLY B 91 -2.68 -8.45 -16.64
CA GLY B 91 -2.65 -7.25 -15.82
C GLY B 91 -3.08 -5.97 -16.55
N TYR B 92 -3.77 -6.11 -17.67
CA TYR B 92 -4.17 -4.95 -18.48
C TYR B 92 -5.23 -4.13 -17.76
N VAL B 93 -4.97 -2.83 -17.60
CA VAL B 93 -5.93 -1.93 -16.97
C VAL B 93 -6.94 -1.35 -17.98
N TYR B 94 -6.66 -1.43 -19.28
CA TYR B 94 -7.57 -0.79 -20.23
C TYR B 94 -9.06 -1.14 -20.02
N PRO B 95 -9.41 -2.44 -19.82
CA PRO B 95 -10.84 -2.73 -19.64
C PRO B 95 -11.48 -1.99 -18.45
N TRP B 96 -10.69 -1.76 -17.39
CA TRP B 96 -11.12 -0.98 -16.21
C TRP B 96 -11.34 0.49 -16.56
N ILE B 97 -10.37 1.10 -17.26
CA ILE B 97 -10.51 2.52 -17.66
C ILE B 97 -11.70 2.66 -18.56
N GLU B 98 -11.82 1.73 -19.51
CA GLU B 98 -12.90 1.81 -20.47
C GLU B 98 -14.23 1.75 -19.76
N ALA B 99 -14.36 0.81 -18.84
CA ALA B 99 -15.62 0.63 -18.10
C ALA B 99 -15.94 1.84 -17.19
N MET B 100 -14.93 2.34 -16.47
CA MET B 100 -15.07 3.56 -15.65
C MET B 100 -15.35 4.86 -16.45
N SER B 101 -14.79 4.93 -17.66
CA SER B 101 -14.86 6.15 -18.49
C SER B 101 -16.30 6.64 -18.70
N SER B 102 -17.25 5.70 -18.84
CA SER B 102 -18.64 6.08 -19.02
C SER B 102 -19.46 6.10 -17.73
N SER B 103 -18.87 5.62 -16.63
CA SER B 103 -19.62 5.56 -15.37
C SER B 103 -19.09 6.43 -14.25
N TYR B 104 -17.78 6.44 -14.04
CA TYR B 104 -17.20 7.10 -12.88
C TYR B 104 -16.76 8.49 -13.28
N THR B 105 -17.71 9.24 -13.80
CA THR B 105 -17.37 10.51 -14.52
C THR B 105 -16.75 11.52 -13.47
N TRP B 106 -17.27 11.55 -12.17
CA TRP B 106 -16.65 12.35 -11.13
C TRP B 106 -15.36 11.72 -10.54
N LEU B 107 -14.78 10.73 -11.20
CA LEU B 107 -13.58 10.03 -10.68
C LEU B 107 -12.32 10.92 -10.43
N GLU B 108 -11.57 10.70 -9.32
CA GLU B 108 -10.51 11.65 -8.94
C GLU B 108 -9.13 11.00 -8.80
N GLU B 109 -9.10 9.72 -8.47
CA GLU B 109 -7.83 9.02 -8.14
C GLU B 109 -7.76 7.62 -8.74
N ILE B 110 -6.61 7.30 -9.37
CA ILE B 110 -6.35 5.98 -9.89
C ILE B 110 -4.96 5.64 -9.40
N ARG B 111 -4.86 4.55 -8.65
CA ARG B 111 -3.59 4.04 -8.16
C ARG B 111 -3.43 2.65 -8.65
N LEU B 112 -2.36 2.39 -9.43
CA LEU B 112 -2.20 1.08 -10.05
C LEU B 112 -0.84 0.51 -9.67
N LYS B 113 -0.78 -0.81 -9.50
CA LYS B 113 0.51 -1.44 -9.18
C LYS B 113 0.64 -2.69 -10.00
N ARG B 114 1.79 -2.84 -10.63
CA ARG B 114 2.05 -3.97 -11.51
C ARG B 114 0.96 -4.23 -12.54
N MET B 115 0.50 -3.16 -13.19
CA MET B 115 -0.47 -3.30 -14.27
C MET B 115 0.23 -2.92 -15.57
N VAL B 116 -0.36 -3.36 -16.67
CA VAL B 116 0.04 -2.91 -17.99
C VAL B 116 -0.87 -1.74 -18.32
N VAL B 117 -0.26 -0.57 -18.52
CA VAL B 117 -0.96 0.70 -18.73
C VAL B 117 -0.42 1.24 -20.06
N THR B 118 -1.32 1.58 -20.98
CA THR B 118 -0.90 2.02 -22.32
C THR B 118 -1.19 3.50 -22.52
N ASP B 119 -0.70 4.06 -23.63
CA ASP B 119 -1.01 5.44 -23.95
C ASP B 119 -2.51 5.64 -24.16
N ASP B 120 -3.17 4.64 -24.74
CA ASP B 120 -4.64 4.68 -24.88
C ASP B 120 -5.34 4.81 -23.54
N CYS B 121 -4.86 4.07 -22.53
CA CYS B 121 -5.40 4.20 -21.15
C CYS B 121 -5.24 5.65 -20.68
N LEU B 122 -4.04 6.20 -20.86
CA LEU B 122 -3.74 7.53 -20.32
C LEU B 122 -4.57 8.62 -21.04
N GLU B 123 -4.66 8.52 -22.35
CA GLU B 123 -5.53 9.42 -23.10
C GLU B 123 -7.00 9.35 -22.70
N LEU B 124 -7.49 8.14 -22.43
CA LEU B 124 -8.90 7.95 -22.04
C LEU B 124 -9.16 8.53 -20.64
N ILE B 125 -8.19 8.38 -19.74
CA ILE B 125 -8.24 8.98 -18.40
C ILE B 125 -8.37 10.51 -18.51
N ALA B 126 -7.50 11.13 -19.30
CA ALA B 126 -7.45 12.58 -19.44
C ALA B 126 -8.79 13.09 -19.96
N LYS B 127 -9.33 12.40 -20.94
CA LYS B 127 -10.52 12.93 -21.57
C LYS B 127 -11.81 12.57 -20.85
N SER B 128 -11.76 11.54 -20.02
CA SER B 128 -12.95 11.04 -19.34
C SER B 128 -13.23 11.67 -17.97
N PHE B 129 -12.17 12.04 -17.24
CA PHE B 129 -12.32 12.40 -15.82
C PHE B 129 -11.95 13.86 -15.55
N LYS B 130 -12.94 14.75 -15.68
CA LYS B 130 -12.66 16.18 -15.52
C LYS B 130 -12.01 16.57 -14.19
N ASN B 131 -12.43 15.90 -13.10
CA ASN B 131 -11.87 16.16 -11.77
C ASN B 131 -10.69 15.32 -11.40
N PHE B 132 -9.96 14.81 -12.39
CA PHE B 132 -8.88 13.90 -12.07
C PHE B 132 -7.76 14.59 -11.30
N LYS B 133 -7.35 13.97 -10.18
CA LYS B 133 -6.40 14.61 -9.27
C LYS B 133 -5.15 13.78 -9.00
N VAL B 134 -5.24 12.46 -9.03
CA VAL B 134 -4.12 11.61 -8.50
C VAL B 134 -3.91 10.45 -9.46
N LEU B 135 -2.70 10.38 -10.01
CA LEU B 135 -2.29 9.19 -10.76
C LEU B 135 -1.01 8.61 -10.17
N VAL B 136 -1.10 7.39 -9.68
CA VAL B 136 0.10 6.64 -9.17
C VAL B 136 0.24 5.40 -10.03
N LEU B 137 1.36 5.32 -10.73
CA LEU B 137 1.69 4.14 -11.56
C LEU B 137 2.92 3.51 -10.92
N SER B 138 2.70 2.48 -10.10
CA SER B 138 3.74 1.88 -9.29
C SER B 138 4.16 0.55 -9.91
N SER B 139 5.40 0.47 -10.36
CA SER B 139 5.91 -0.71 -11.08
C SER B 139 4.96 -1.11 -12.23
N CYS B 140 4.52 -0.14 -13.02
CA CYS B 140 3.70 -0.39 -14.19
C CYS B 140 4.56 -0.34 -15.45
N GLU B 141 4.01 -0.82 -16.56
CA GLU B 141 4.73 -0.81 -17.84
C GLU B 141 3.71 -0.65 -18.97
N GLY B 142 4.17 -0.29 -20.17
CA GLY B 142 3.35 -0.36 -21.37
C GLY B 142 2.97 0.99 -21.98
N PHE B 143 3.43 2.06 -21.36
CA PHE B 143 3.13 3.43 -21.80
C PHE B 143 4.40 4.22 -22.07
N SER B 144 4.22 5.38 -22.69
CA SER B 144 5.31 6.22 -23.11
C SER B 144 5.08 7.65 -22.61
N THR B 145 6.08 8.49 -22.89
CA THR B 145 6.00 9.92 -22.59
C THR B 145 4.86 10.62 -23.36
N ASP B 146 4.45 10.05 -24.49
CA ASP B 146 3.27 10.55 -25.19
C ASP B 146 1.97 10.45 -24.34
N GLY B 147 1.81 9.36 -23.61
CA GLY B 147 0.67 9.19 -22.68
C GLY B 147 0.74 10.19 -21.55
N LEU B 148 1.96 10.40 -21.04
CA LEU B 148 2.19 11.41 -20.02
C LEU B 148 1.87 12.81 -20.54
N ALA B 149 2.20 13.09 -21.81
CA ALA B 149 1.90 14.39 -22.42
C ALA B 149 0.40 14.68 -22.43
N ALA B 150 -0.41 13.63 -22.65
CA ALA B 150 -1.87 13.73 -22.68
C ALA B 150 -2.44 14.10 -21.31
N ILE B 151 -1.89 13.50 -20.27
CA ILE B 151 -2.23 13.82 -18.86
C ILE B 151 -1.89 15.28 -18.53
N ALA B 152 -0.66 15.66 -18.85
CA ALA B 152 -0.14 17.00 -18.59
C ALA B 152 -0.98 18.08 -19.31
N ALA B 153 -1.29 17.82 -20.58
CA ALA B 153 -2.04 18.79 -21.41
C ALA B 153 -3.47 19.04 -20.92
N THR B 154 -4.09 17.99 -20.41
CA THR B 154 -5.56 17.93 -20.27
C THR B 154 -6.03 17.94 -18.83
N CYS B 155 -5.27 17.33 -17.92
CA CYS B 155 -5.72 17.17 -16.53
C CYS B 155 -5.49 18.45 -15.75
N ARG B 156 -6.43 19.40 -15.89
CA ARG B 156 -6.26 20.73 -15.31
C ARG B 156 -6.27 20.79 -13.79
N ASN B 157 -6.86 19.78 -13.14
CA ASN B 157 -6.91 19.70 -11.66
C ASN B 157 -5.88 18.74 -11.02
N LEU B 158 -4.95 18.25 -11.84
CA LEU B 158 -4.01 17.23 -11.37
C LEU B 158 -3.20 17.70 -10.14
N LYS B 159 -3.10 16.86 -9.13
CA LYS B 159 -2.33 17.18 -7.95
C LYS B 159 -1.13 16.24 -7.79
N GLU B 160 -1.28 14.99 -8.24
CA GLU B 160 -0.20 13.97 -8.08
C GLU B 160 0.02 13.17 -9.35
N LEU B 161 1.26 13.16 -9.79
CA LEU B 161 1.71 12.32 -10.89
C LEU B 161 2.95 11.59 -10.33
N ASP B 162 2.76 10.32 -9.95
CA ASP B 162 3.82 9.52 -9.25
C ASP B 162 4.05 8.24 -10.07
N LEU B 163 5.25 8.11 -10.62
CA LEU B 163 5.57 7.05 -11.57
C LEU B 163 6.50 5.99 -10.95
N ARG B 164 6.54 5.89 -9.64
CA ARG B 164 7.50 5.02 -8.95
C ARG B 164 7.80 3.64 -9.54
N GLU B 165 9.09 3.43 -9.80
CA GLU B 165 9.60 2.19 -10.34
C GLU B 165 8.88 1.69 -11.61
N SER B 166 8.21 2.56 -12.34
CA SER B 166 7.54 2.12 -13.58
C SER B 166 8.54 2.03 -14.74
N ASP B 167 8.24 1.21 -15.75
CA ASP B 167 9.05 1.10 -16.97
C ASP B 167 8.34 1.90 -18.06
N VAL B 168 8.85 3.10 -18.36
CA VAL B 168 8.22 4.00 -19.35
C VAL B 168 9.01 3.98 -20.69
N ASP B 169 8.29 4.00 -21.80
CA ASP B 169 8.94 4.15 -23.11
C ASP B 169 9.38 5.62 -23.28
N ASP B 170 10.69 5.86 -23.20
CA ASP B 170 11.21 7.23 -23.10
C ASP B 170 11.39 7.91 -24.48
N VAL B 171 10.26 8.18 -25.13
CA VAL B 171 10.21 8.80 -26.46
C VAL B 171 10.78 10.25 -26.50
N SER B 172 10.62 11.00 -25.42
CA SER B 172 10.92 12.42 -25.42
C SER B 172 10.55 13.10 -24.10
N GLY B 173 11.43 13.96 -23.60
CA GLY B 173 11.16 14.71 -22.40
C GLY B 173 10.25 15.90 -22.59
N HIS B 174 9.80 16.09 -23.82
CA HIS B 174 8.93 17.20 -24.14
C HIS B 174 7.54 17.14 -23.50
N TRP B 175 7.17 15.99 -22.94
CA TRP B 175 5.85 15.83 -22.35
C TRP B 175 5.58 16.84 -21.24
N LEU B 176 6.60 17.16 -20.44
CA LEU B 176 6.41 18.04 -19.29
C LEU B 176 6.04 19.46 -19.74
N SER B 177 6.46 19.84 -20.95
CA SER B 177 6.17 21.16 -21.49
C SER B 177 4.68 21.34 -21.80
N HIS B 178 3.94 20.23 -21.82
CA HIS B 178 2.51 20.25 -22.07
C HIS B 178 1.62 20.75 -20.93
N PHE B 179 2.11 20.77 -19.69
CA PHE B 179 1.38 21.43 -18.60
C PHE B 179 1.15 22.90 -19.00
N PRO B 180 -0.11 23.35 -19.12
CA PRO B 180 -0.26 24.75 -19.55
C PRO B 180 0.14 25.77 -18.49
N ASP B 181 0.30 27.02 -18.92
CA ASP B 181 0.68 28.10 -18.02
C ASP B 181 -0.36 28.36 -16.93
N THR B 182 -1.61 27.98 -17.18
CA THR B 182 -2.69 28.16 -16.21
C THR B 182 -2.71 27.06 -15.14
N TYR B 183 -1.92 26.00 -15.35
CA TYR B 183 -1.83 24.91 -14.39
C TYR B 183 -0.89 25.24 -13.22
N THR B 184 -1.41 25.07 -12.00
CA THR B 184 -0.77 25.52 -10.77
C THR B 184 -1.03 24.53 -9.59
N SER B 185 -1.74 23.42 -9.84
CA SER B 185 -2.25 22.59 -8.75
C SER B 185 -1.33 21.45 -8.29
N LEU B 186 -0.17 21.30 -8.93
CA LEU B 186 0.69 20.15 -8.60
C LEU B 186 1.10 20.14 -7.14
N VAL B 187 0.92 18.99 -6.49
CA VAL B 187 1.41 18.73 -5.13
C VAL B 187 2.57 17.71 -5.05
N SER B 188 2.55 16.68 -5.90
CA SER B 188 3.54 15.59 -5.82
C SER B 188 3.90 15.19 -7.22
N LEU B 189 5.21 15.18 -7.53
CA LEU B 189 5.66 14.79 -8.86
C LEU B 189 6.86 13.84 -8.66
N ASN B 190 6.67 12.60 -9.07
CA ASN B 190 7.74 11.62 -8.99
C ASN B 190 8.05 11.11 -10.40
N ILE B 191 9.12 11.64 -10.99
CA ILE B 191 9.58 11.23 -12.32
C ILE B 191 10.91 10.48 -12.26
N SER B 192 11.22 9.90 -11.10
CA SER B 192 12.55 9.29 -10.86
C SER B 192 12.91 8.10 -11.76
N CYS B 193 11.91 7.49 -12.40
CA CYS B 193 12.11 6.34 -13.26
C CYS B 193 12.35 6.71 -14.74
N LEU B 194 12.20 7.99 -15.06
CA LEU B 194 12.29 8.43 -16.46
C LEU B 194 13.74 8.64 -16.89
N ALA B 195 14.10 7.97 -17.98
CA ALA B 195 15.48 8.06 -18.47
C ALA B 195 15.68 9.33 -19.29
N SER B 196 14.60 9.84 -19.88
CA SER B 196 14.68 10.98 -20.77
C SER B 196 14.65 12.30 -19.97
N GLU B 197 15.39 13.27 -20.50
CA GLU B 197 15.60 14.55 -19.82
C GLU B 197 14.42 15.47 -20.13
N VAL B 198 13.71 15.93 -19.11
CA VAL B 198 12.67 16.97 -19.36
C VAL B 198 13.32 18.34 -19.67
N SER B 199 12.58 19.26 -20.28
CA SER B 199 13.07 20.62 -20.48
C SER B 199 13.29 21.24 -19.10
N PHE B 200 14.52 21.62 -18.77
CA PHE B 200 14.75 22.17 -17.44
C PHE B 200 14.00 23.50 -17.26
N SER B 201 13.97 24.32 -18.32
CA SER B 201 13.22 25.57 -18.28
C SER B 201 11.74 25.31 -17.99
N ALA B 202 11.12 24.34 -18.67
CA ALA B 202 9.73 23.98 -18.37
C ALA B 202 9.54 23.48 -16.92
N LEU B 203 10.46 22.64 -16.44
CA LEU B 203 10.44 22.19 -15.04
C LEU B 203 10.58 23.34 -14.03
N GLU B 204 11.51 24.25 -14.28
CA GLU B 204 11.68 25.41 -13.40
C GLU B 204 10.39 26.31 -13.32
N ARG B 205 9.77 26.57 -14.46
CA ARG B 205 8.52 27.35 -14.49
C ARG B 205 7.38 26.62 -13.83
N LEU B 206 7.34 25.31 -14.01
CA LEU B 206 6.31 24.44 -13.40
C LEU B 206 6.40 24.53 -11.88
N VAL B 207 7.59 24.27 -11.35
CA VAL B 207 7.84 24.32 -9.89
C VAL B 207 7.50 25.71 -9.32
N THR B 208 7.91 26.76 -10.04
CA THR B 208 7.67 28.15 -9.63
C THR B 208 6.17 28.48 -9.52
N ARG B 209 5.36 27.99 -10.45
CA ARG B 209 3.94 28.35 -10.45
C ARG B 209 3.04 27.41 -9.64
N CYS B 210 3.63 26.44 -8.96
CA CYS B 210 2.86 25.48 -8.18
C CYS B 210 3.19 25.63 -6.71
N PRO B 211 2.49 26.54 -6.01
CA PRO B 211 2.92 26.84 -4.64
C PRO B 211 2.56 25.76 -3.61
N ASN B 212 1.72 24.80 -3.99
CA ASN B 212 1.37 23.67 -3.10
C ASN B 212 2.21 22.42 -3.32
N LEU B 213 3.23 22.53 -4.16
CA LEU B 213 4.16 21.40 -4.40
C LEU B 213 4.86 21.02 -3.11
N LYS B 214 4.67 19.77 -2.68
CA LYS B 214 5.28 19.27 -1.45
C LYS B 214 6.31 18.17 -1.65
N SER B 215 6.19 17.43 -2.75
CA SER B 215 7.04 16.28 -3.03
C SER B 215 7.52 16.35 -4.46
N LEU B 216 8.84 16.38 -4.65
CA LEU B 216 9.42 16.50 -5.97
C LEU B 216 10.54 15.49 -6.07
N LYS B 217 10.32 14.41 -6.82
CA LYS B 217 11.36 13.39 -6.96
C LYS B 217 11.82 13.39 -8.40
N LEU B 218 13.04 13.87 -8.59
CA LEU B 218 13.55 14.11 -9.91
C LEU B 218 14.15 12.88 -10.55
N ASN B 219 14.45 13.00 -11.85
CA ASN B 219 15.21 11.96 -12.53
C ASN B 219 16.70 12.28 -12.61
N ARG B 220 17.47 11.24 -12.88
CA ARG B 220 18.91 11.34 -12.90
C ARG B 220 19.36 12.44 -13.87
N ALA B 221 18.57 12.67 -14.93
CA ALA B 221 18.93 13.69 -15.95
C ALA B 221 18.94 15.16 -15.49
N VAL B 222 18.38 15.47 -14.32
CA VAL B 222 18.58 16.80 -13.76
C VAL B 222 19.92 16.79 -13.03
N PRO B 223 20.93 17.51 -13.57
CA PRO B 223 22.27 17.42 -12.98
C PRO B 223 22.40 18.15 -11.65
N LEU B 224 23.34 17.73 -10.82
CA LEU B 224 23.50 18.34 -9.50
C LEU B 224 23.62 19.88 -9.58
N GLU B 225 24.29 20.41 -10.60
CA GLU B 225 24.50 21.88 -10.72
C GLU B 225 23.23 22.71 -10.93
N LYS B 226 22.12 22.05 -11.27
CA LYS B 226 20.84 22.73 -11.47
C LYS B 226 19.89 22.53 -10.28
N LEU B 227 20.28 21.74 -9.29
CA LEU B 227 19.37 21.42 -8.20
C LEU B 227 19.05 22.66 -7.36
N ALA B 228 20.07 23.46 -7.06
CA ALA B 228 19.88 24.63 -6.21
C ALA B 228 18.82 25.54 -6.81
N THR B 229 18.83 25.66 -8.14
CA THR B 229 17.86 26.48 -8.86
C THR B 229 16.42 26.09 -8.58
N LEU B 230 16.14 24.80 -8.61
CA LEU B 230 14.79 24.33 -8.35
C LEU B 230 14.44 24.48 -6.88
N LEU B 231 15.38 24.19 -5.99
CA LEU B 231 15.12 24.30 -4.56
C LEU B 231 14.80 25.72 -4.11
N GLN B 232 15.48 26.69 -4.71
CA GLN B 232 15.17 28.08 -4.44
C GLN B 232 13.72 28.43 -4.85
N ARG B 233 13.20 27.74 -5.86
CA ARG B 233 11.83 27.93 -6.32
C ARG B 233 10.79 27.18 -5.48
N ALA B 234 11.24 26.23 -4.66
CA ALA B 234 10.31 25.39 -3.87
C ALA B 234 10.76 25.23 -2.43
N PRO B 235 10.85 26.33 -1.66
CA PRO B 235 11.31 26.21 -0.27
C PRO B 235 10.35 25.48 0.70
N GLN B 236 9.14 25.17 0.26
CA GLN B 236 8.13 24.51 1.11
C GLN B 236 8.18 22.96 1.02
N LEU B 237 9.10 22.44 0.23
CA LEU B 237 9.18 21.01 -0.10
C LEU B 237 9.33 20.18 1.19
N GLU B 238 8.54 19.12 1.28
CA GLU B 238 8.63 18.15 2.40
C GLU B 238 9.44 16.90 1.97
N GLU B 239 9.43 16.57 0.69
CA GLU B 239 10.19 15.44 0.19
C GLU B 239 10.92 15.84 -1.04
N LEU B 240 12.18 15.44 -1.14
CA LEU B 240 12.97 15.78 -2.28
C LEU B 240 13.69 14.52 -2.72
N GLY B 241 13.52 14.16 -3.99
CA GLY B 241 14.39 13.20 -4.63
C GLY B 241 15.33 13.97 -5.55
N THR B 242 16.62 13.93 -5.25
CA THR B 242 17.57 14.69 -6.05
C THR B 242 17.61 14.09 -7.45
N GLY B 243 18.17 14.83 -8.41
CA GLY B 243 18.58 14.24 -9.67
C GLY B 243 19.97 13.63 -9.51
N GLY B 244 20.77 13.69 -10.58
CA GLY B 244 22.18 13.30 -10.52
C GLY B 244 22.83 14.02 -9.36
N TYR B 245 23.78 13.36 -8.73
CA TYR B 245 24.41 13.92 -7.54
C TYR B 245 25.93 13.89 -7.71
N THR B 246 26.33 14.29 -8.90
CA THR B 246 27.73 14.33 -9.28
C THR B 246 28.06 15.60 -10.07
N ALA B 247 29.23 16.16 -9.77
CA ALA B 247 29.77 17.33 -10.47
C ALA B 247 31.26 17.43 -10.17
N GLU B 248 31.96 18.22 -10.99
CA GLU B 248 33.31 18.70 -10.67
C GLU B 248 33.21 19.29 -9.27
N VAL B 249 34.19 19.00 -8.43
CA VAL B 249 34.18 19.51 -7.08
C VAL B 249 34.58 21.00 -7.11
N ARG B 250 33.63 21.89 -6.78
CA ARG B 250 33.88 23.35 -6.76
C ARG B 250 33.26 24.04 -5.55
N PRO B 251 33.99 25.00 -4.91
CA PRO B 251 33.45 25.80 -3.79
C PRO B 251 32.13 26.51 -4.08
N ASP B 252 32.06 27.32 -5.18
CA ASP B 252 30.81 28.00 -5.51
C ASP B 252 29.60 27.04 -5.69
N VAL B 253 29.80 25.85 -6.27
CA VAL B 253 28.68 24.91 -6.52
C VAL B 253 28.16 24.28 -5.21
N TYR B 254 29.13 23.92 -4.38
CA TYR B 254 28.81 23.35 -3.08
C TYR B 254 28.02 24.37 -2.23
N SER B 255 28.53 25.59 -2.17
CA SER B 255 27.91 26.67 -1.39
C SER B 255 26.47 26.98 -1.85
N GLY B 256 26.26 27.04 -3.17
CA GLY B 256 24.92 27.28 -3.70
C GLY B 256 23.95 26.18 -3.28
N LEU B 257 24.40 24.93 -3.28
CA LEU B 257 23.55 23.78 -2.94
C LEU B 257 23.25 23.79 -1.45
N SER B 258 24.29 24.06 -0.66
CA SER B 258 24.20 24.14 0.78
C SER B 258 23.15 25.19 1.21
N VAL B 259 23.25 26.40 0.67
CA VAL B 259 22.31 27.51 0.97
C VAL B 259 20.85 27.16 0.53
N ALA B 260 20.69 26.57 -0.65
CA ALA B 260 19.37 26.21 -1.17
C ALA B 260 18.72 25.16 -0.26
N LEU B 261 19.48 24.15 0.13
CA LEU B 261 18.94 23.06 0.93
C LEU B 261 18.62 23.55 2.35
N SER B 262 19.46 24.42 2.90
CA SER B 262 19.21 25.01 4.22
C SER B 262 17.96 25.91 4.24
N GLY B 263 17.56 26.42 3.07
CA GLY B 263 16.33 27.21 2.95
C GLY B 263 15.09 26.36 2.88
N CYS B 264 15.28 25.03 2.85
CA CYS B 264 14.18 24.08 2.80
C CYS B 264 13.88 23.53 4.20
N LYS B 265 13.17 24.33 5.00
CA LYS B 265 12.94 24.04 6.42
C LYS B 265 11.96 22.89 6.74
N GLU B 266 11.14 22.51 5.76
CA GLU B 266 10.13 21.48 5.94
C GLU B 266 10.54 20.07 5.39
N LEU B 267 11.74 19.97 4.82
CA LEU B 267 12.20 18.70 4.23
C LEU B 267 12.28 17.63 5.29
N ARG B 268 11.52 16.55 5.12
CA ARG B 268 11.57 15.39 6.02
C ARG B 268 12.11 14.11 5.32
N CYS B 269 12.07 14.09 3.99
CA CYS B 269 12.41 12.88 3.24
C CYS B 269 13.36 13.21 2.11
N LEU B 270 14.49 12.52 2.04
CA LEU B 270 15.47 12.75 0.99
C LEU B 270 15.82 11.44 0.28
N SER B 271 15.95 11.50 -1.05
CA SER B 271 16.23 10.31 -1.84
C SER B 271 16.95 10.76 -3.12
N GLY B 272 17.25 9.78 -3.96
CA GLY B 272 17.89 10.04 -5.27
C GLY B 272 19.36 9.70 -5.13
N PHE B 273 20.21 10.73 -5.12
CA PHE B 273 21.65 10.52 -4.90
C PHE B 273 22.36 9.67 -5.94
N TRP B 274 21.87 9.61 -7.19
CA TRP B 274 22.56 8.81 -8.21
C TRP B 274 23.96 9.30 -8.43
N ASP B 275 24.88 8.35 -8.59
CA ASP B 275 26.27 8.71 -8.87
C ASP B 275 26.87 9.58 -7.72
N ALA B 276 26.27 9.55 -6.53
CA ALA B 276 26.70 10.47 -5.43
C ALA B 276 28.21 10.55 -5.28
N VAL B 277 28.70 11.78 -5.17
CA VAL B 277 30.11 12.11 -4.93
C VAL B 277 30.21 12.50 -3.45
N PRO B 278 31.04 11.80 -2.67
CA PRO B 278 31.19 12.11 -1.25
C PRO B 278 31.40 13.58 -0.97
N ALA B 279 32.17 14.26 -1.82
CA ALA B 279 32.44 15.69 -1.64
C ALA B 279 31.17 16.56 -1.55
N TYR B 280 30.07 16.12 -2.17
CA TYR B 280 28.83 16.91 -2.14
C TYR B 280 27.74 16.48 -1.11
N LEU B 281 27.90 15.31 -0.49
CA LEU B 281 26.92 14.88 0.52
C LEU B 281 26.74 15.84 1.70
N PRO B 282 27.84 16.44 2.23
CA PRO B 282 27.63 17.36 3.37
C PRO B 282 26.62 18.50 3.17
N ALA B 283 26.33 18.84 1.92
CA ALA B 283 25.39 19.91 1.64
C ALA B 283 23.99 19.65 2.19
N VAL B 284 23.63 18.38 2.38
CA VAL B 284 22.31 17.98 2.93
C VAL B 284 22.27 17.97 4.48
N TYR B 285 23.43 18.12 5.11
CA TYR B 285 23.56 18.03 6.58
C TYR B 285 22.60 18.94 7.34
N SER B 286 22.32 20.14 6.82
CA SER B 286 21.43 21.11 7.50
C SER B 286 20.02 20.56 7.62
N VAL B 287 19.67 19.74 6.65
CA VAL B 287 18.38 19.13 6.47
C VAL B 287 18.24 17.94 7.43
N CYS B 288 19.34 17.35 7.84
CA CYS B 288 19.23 16.05 8.48
C CYS B 288 19.18 16.09 9.99
N SER B 289 18.54 17.11 10.55
CA SER B 289 18.25 17.11 11.97
C SER B 289 16.83 16.69 12.11
N ARG B 290 16.06 17.00 11.07
CA ARG B 290 14.64 16.73 11.06
C ARG B 290 14.25 15.57 10.11
N LEU B 291 15.21 15.03 9.38
CA LEU B 291 14.87 13.99 8.40
C LEU B 291 14.25 12.78 9.07
N THR B 292 13.14 12.30 8.53
CA THR B 292 12.56 11.06 9.02
C THR B 292 12.77 9.89 8.06
N THR B 293 13.01 10.19 6.77
CA THR B 293 13.24 9.13 5.74
C THR B 293 14.44 9.51 4.93
N LEU B 294 15.37 8.55 4.81
CA LEU B 294 16.53 8.75 3.98
C LEU B 294 16.66 7.56 3.07
N ASN B 295 16.73 7.79 1.77
CA ASN B 295 16.92 6.66 0.83
C ASN B 295 18.25 6.80 0.11
N LEU B 296 19.22 6.00 0.52
CA LEU B 296 20.55 6.08 -0.04
C LEU B 296 20.87 4.84 -0.89
N SER B 297 19.82 4.12 -1.30
CA SER B 297 19.93 2.92 -2.17
C SER B 297 20.82 3.05 -3.39
N TYR B 298 20.93 4.25 -3.95
CA TYR B 298 21.68 4.44 -5.19
C TYR B 298 23.03 5.11 -5.00
N ALA B 299 23.33 5.56 -3.78
CA ALA B 299 24.62 6.18 -3.49
C ALA B 299 25.64 5.08 -3.23
N THR B 300 26.67 5.00 -4.04
CA THR B 300 27.68 3.95 -3.82
C THR B 300 28.90 4.47 -3.01
N VAL B 301 28.64 5.29 -2.01
CA VAL B 301 29.71 5.85 -1.17
C VAL B 301 29.99 4.91 0.01
N GLN B 302 31.17 5.04 0.61
CA GLN B 302 31.60 4.00 1.51
C GLN B 302 31.16 4.22 2.94
N SER B 303 31.42 3.24 3.80
CA SER B 303 30.90 3.24 5.17
C SER B 303 31.09 4.58 5.92
N TYR B 304 32.31 5.08 5.90
CA TYR B 304 32.64 6.26 6.70
C TYR B 304 31.86 7.49 6.24
N ASP B 305 31.70 7.64 4.93
CA ASP B 305 30.87 8.70 4.37
C ASP B 305 29.40 8.58 4.80
N LEU B 306 28.87 7.36 4.79
CA LEU B 306 27.51 7.11 5.27
C LEU B 306 27.32 7.45 6.76
N VAL B 307 28.29 7.05 7.58
CA VAL B 307 28.31 7.33 9.02
C VAL B 307 28.29 8.84 9.33
N LYS B 308 29.10 9.63 8.62
CA LYS B 308 29.15 11.06 8.85
C LYS B 308 27.77 11.67 8.61
N LEU B 309 27.07 11.22 7.59
CA LEU B 309 25.69 11.65 7.32
C LEU B 309 24.76 11.14 8.43
N LEU B 310 24.78 9.85 8.70
CA LEU B 310 23.84 9.24 9.63
C LEU B 310 23.96 9.78 11.07
N CYS B 311 25.17 10.15 11.48
CA CYS B 311 25.39 10.80 12.77
C CYS B 311 24.59 12.07 12.97
N GLN B 312 24.18 12.67 11.87
CA GLN B 312 23.48 13.93 11.90
C GLN B 312 21.98 13.76 11.78
N CYS B 313 21.50 12.51 11.83
CA CYS B 313 20.09 12.21 11.63
C CYS B 313 19.39 11.56 12.84
N PRO B 314 19.29 12.28 13.99
CA PRO B 314 18.71 11.69 15.21
C PRO B 314 17.21 11.32 15.10
N LYS B 315 16.47 11.98 14.21
CA LYS B 315 15.05 11.70 14.07
C LYS B 315 14.68 10.66 13.00
N LEU B 316 15.69 9.97 12.46
CA LEU B 316 15.45 9.10 11.34
C LEU B 316 14.50 7.95 11.74
N GLN B 317 13.50 7.72 10.92
CA GLN B 317 12.55 6.64 11.14
C GLN B 317 12.67 5.52 10.10
N ARG B 318 13.11 5.88 8.89
CA ARG B 318 13.25 4.92 7.78
C ARG B 318 14.58 5.16 7.06
N LEU B 319 15.40 4.10 6.99
CA LEU B 319 16.65 4.15 6.25
C LEU B 319 16.69 3.05 5.18
N TRP B 320 16.88 3.42 3.92
CA TRP B 320 17.26 2.45 2.89
C TRP B 320 18.70 2.77 2.50
N VAL B 321 19.56 1.74 2.46
CA VAL B 321 21.01 1.97 2.29
C VAL B 321 21.60 0.76 1.57
N LEU B 322 22.74 0.98 0.92
CA LEU B 322 23.50 -0.16 0.39
C LEU B 322 24.30 -0.85 1.50
N ASP B 323 24.73 -2.09 1.24
CA ASP B 323 25.52 -2.83 2.24
C ASP B 323 26.91 -2.21 2.50
N TYR B 324 27.30 -1.21 1.68
CA TYR B 324 28.47 -0.34 2.00
C TYR B 324 28.46 0.25 3.41
N ILE B 325 27.27 0.39 4.00
CA ILE B 325 27.17 0.82 5.39
C ILE B 325 28.07 -0.02 6.28
N GLU B 326 28.12 -1.34 6.01
CA GLU B 326 28.92 -2.33 6.75
C GLU B 326 28.49 -2.48 8.20
N ASP B 327 29.04 -3.47 8.90
CA ASP B 327 28.68 -3.71 10.30
C ASP B 327 29.04 -2.48 11.18
N ALA B 328 30.18 -1.86 10.93
CA ALA B 328 30.59 -0.71 11.75
C ALA B 328 29.61 0.48 11.61
N GLY B 329 29.12 0.70 10.40
CA GLY B 329 28.13 1.77 10.11
C GLY B 329 26.79 1.48 10.77
N LEU B 330 26.39 0.20 10.80
CA LEU B 330 25.14 -0.19 11.47
C LEU B 330 25.21 -0.07 13.00
N GLU B 331 26.41 -0.30 13.53
CA GLU B 331 26.65 -0.13 14.96
C GLU B 331 26.45 1.36 15.33
N VAL B 332 26.91 2.26 14.45
CA VAL B 332 26.70 3.70 14.66
C VAL B 332 25.24 4.10 14.51
N LEU B 333 24.60 3.55 13.48
CA LEU B 333 23.15 3.71 13.30
C LEU B 333 22.38 3.30 14.58
N ALA B 334 22.74 2.16 15.16
CA ALA B 334 22.08 1.66 16.37
C ALA B 334 22.21 2.61 17.58
N SER B 335 23.35 3.28 17.68
CA SER B 335 23.57 4.30 18.73
C SER B 335 22.82 5.63 18.54
N THR B 336 22.63 6.00 17.28
CA THR B 336 22.19 7.34 16.86
C THR B 336 20.70 7.48 16.68
N CYS B 337 20.10 6.49 16.04
CA CYS B 337 18.74 6.64 15.54
C CYS B 337 17.77 5.85 16.38
N LYS B 338 17.43 6.38 17.56
CA LYS B 338 16.60 5.64 18.52
C LYS B 338 15.14 5.52 18.11
N ASP B 339 14.75 6.30 17.09
CA ASP B 339 13.40 6.26 16.57
C ASP B 339 13.29 5.44 15.30
N LEU B 340 14.37 4.77 14.89
CA LEU B 340 14.32 3.97 13.68
C LEU B 340 13.22 2.92 13.73
N ARG B 341 12.39 2.87 12.70
CA ARG B 341 11.29 1.92 12.57
C ARG B 341 11.54 0.87 11.47
N GLU B 342 12.30 1.24 10.44
CA GLU B 342 12.43 0.40 9.25
C GLU B 342 13.82 0.57 8.71
N LEU B 343 14.50 -0.57 8.44
CA LEU B 343 15.82 -0.61 7.86
C LEU B 343 15.82 -1.52 6.65
N ARG B 344 16.27 -1.01 5.50
CA ARG B 344 16.47 -1.90 4.32
C ARG B 344 17.91 -1.76 3.87
N VAL B 345 18.63 -2.89 3.86
CA VAL B 345 20.05 -2.93 3.45
C VAL B 345 20.14 -3.77 2.18
N PHE B 346 20.44 -3.10 1.06
CA PHE B 346 20.40 -3.70 -0.27
C PHE B 346 21.81 -4.10 -0.67
N PRO B 347 21.95 -5.11 -1.54
CA PRO B 347 23.29 -5.59 -1.93
C PRO B 347 23.95 -4.66 -2.97
N SER B 348 25.22 -4.30 -2.78
CA SER B 348 25.93 -3.46 -3.74
C SER B 348 26.38 -4.31 -4.94
N GLU B 349 26.70 -5.57 -4.66
CA GLU B 349 27.09 -6.51 -5.70
C GLU B 349 26.36 -7.85 -5.53
N PRO B 350 25.06 -7.87 -5.84
CA PRO B 350 24.24 -9.04 -5.56
C PRO B 350 24.68 -10.28 -6.35
N PHE B 351 25.38 -10.08 -7.46
CA PHE B 351 25.71 -11.21 -8.32
C PHE B 351 27.17 -11.68 -8.17
N VAL B 352 27.83 -11.25 -7.09
CA VAL B 352 29.15 -11.78 -6.75
C VAL B 352 29.03 -12.61 -5.47
N MET B 353 29.67 -13.78 -5.49
CA MET B 353 29.60 -14.77 -4.40
C MET B 353 30.43 -14.38 -3.18
N GLU B 354 31.71 -14.08 -3.40
CA GLU B 354 32.56 -13.65 -2.29
C GLU B 354 32.21 -12.21 -1.89
N PRO B 355 32.24 -11.91 -0.58
CA PRO B 355 31.81 -10.61 -0.03
C PRO B 355 32.67 -9.45 -0.49
N ASN B 356 32.02 -8.33 -0.83
CA ASN B 356 32.79 -7.17 -1.23
C ASN B 356 32.80 -6.13 -0.14
N VAL B 357 32.02 -6.38 0.90
CA VAL B 357 31.88 -5.49 2.02
C VAL B 357 31.83 -6.31 3.30
N ALA B 358 32.21 -5.68 4.41
CA ALA B 358 32.12 -6.29 5.72
C ALA B 358 30.74 -6.01 6.32
N LEU B 359 29.70 -6.59 5.71
CA LEU B 359 28.33 -6.53 6.20
C LEU B 359 27.92 -7.98 6.45
N THR B 360 27.64 -8.33 7.70
CA THR B 360 27.37 -9.71 8.08
C THR B 360 26.16 -9.72 8.97
N GLU B 361 25.91 -10.85 9.61
CA GLU B 361 24.83 -10.91 10.58
C GLU B 361 24.99 -9.89 11.70
N GLN B 362 26.23 -9.54 12.06
CA GLN B 362 26.46 -8.65 13.20
C GLN B 362 25.77 -7.28 13.06
N GLY B 363 25.79 -6.70 11.86
CA GLY B 363 25.07 -5.41 11.67
C GLY B 363 23.59 -5.47 12.06
N LEU B 364 22.90 -6.54 11.65
CA LEU B 364 21.47 -6.68 11.98
C LEU B 364 21.27 -6.89 13.46
N VAL B 365 22.12 -7.68 14.09
CA VAL B 365 22.11 -7.85 15.55
C VAL B 365 22.29 -6.49 16.26
N SER B 366 23.24 -5.68 15.80
CA SER B 366 23.46 -4.36 16.41
C SER B 366 22.20 -3.48 16.41
N VAL B 367 21.57 -3.33 15.25
CA VAL B 367 20.36 -2.52 15.14
C VAL B 367 19.21 -3.12 15.94
N SER B 368 19.06 -4.43 15.94
CA SER B 368 18.02 -5.05 16.75
C SER B 368 18.16 -4.71 18.24
N MET B 369 19.41 -4.66 18.72
CA MET B 369 19.67 -4.34 20.12
C MET B 369 19.46 -2.86 20.39
N GLY B 370 19.91 -1.99 19.49
CA GLY B 370 19.94 -0.53 19.76
C GLY B 370 18.70 0.28 19.41
N CYS B 371 17.84 -0.28 18.57
CA CYS B 371 16.68 0.44 18.01
C CYS B 371 15.37 -0.12 18.53
N PRO B 372 14.86 0.42 19.63
CA PRO B 372 13.72 -0.23 20.26
C PRO B 372 12.40 -0.22 19.46
N LYS B 373 12.30 0.64 18.45
CA LYS B 373 11.07 0.74 17.64
C LYS B 373 11.25 0.10 16.27
N LEU B 374 12.39 -0.55 16.07
CA LEU B 374 12.70 -1.21 14.78
C LEU B 374 11.68 -2.34 14.61
N GLU B 375 10.85 -2.28 13.56
CA GLU B 375 9.82 -3.32 13.35
C GLU B 375 9.75 -3.84 11.92
N SER B 376 10.52 -3.25 11.01
CA SER B 376 10.50 -3.67 9.59
C SER B 376 11.90 -3.77 9.11
N VAL B 377 12.28 -4.97 8.64
CA VAL B 377 13.66 -5.20 8.18
C VAL B 377 13.62 -5.84 6.80
N LEU B 378 14.48 -5.35 5.89
CA LEU B 378 14.81 -6.11 4.66
C LEU B 378 16.32 -6.10 4.59
N TYR B 379 16.96 -7.28 4.61
CA TYR B 379 18.43 -7.29 4.83
C TYR B 379 19.04 -8.31 3.89
N PHE B 380 19.98 -7.88 3.05
CA PHE B 380 20.65 -8.78 2.11
C PHE B 380 22.06 -8.95 2.64
N CYS B 381 22.46 -10.22 2.82
CA CYS B 381 23.82 -10.49 3.29
C CYS B 381 24.32 -11.80 2.75
N ARG B 382 25.53 -12.17 3.10
CA ARG B 382 26.07 -13.43 2.57
C ARG B 382 26.25 -14.51 3.61
N GLN B 383 26.08 -14.17 4.89
CA GLN B 383 26.24 -15.18 5.93
C GLN B 383 25.26 -14.89 7.05
N MET B 384 24.94 -15.93 7.83
CA MET B 384 23.98 -15.84 8.91
C MET B 384 24.25 -16.99 9.91
N THR B 385 23.83 -16.79 11.16
CA THR B 385 23.83 -17.84 12.16
C THR B 385 22.46 -17.96 12.82
N ASN B 386 22.20 -19.15 13.38
CA ASN B 386 21.07 -19.32 14.26
C ASN B 386 21.18 -18.43 15.51
N ALA B 387 22.39 -18.30 16.06
CA ALA B 387 22.60 -17.47 17.25
C ALA B 387 22.16 -16.05 16.98
N ALA B 388 22.57 -15.48 15.83
CA ALA B 388 22.15 -14.13 15.46
C ALA B 388 20.66 -13.98 15.37
N LEU B 389 19.98 -14.89 14.66
CA LEU B 389 18.51 -14.82 14.52
C LEU B 389 17.77 -14.95 15.86
N ILE B 390 18.25 -15.84 16.72
CA ILE B 390 17.70 -15.96 18.08
C ILE B 390 17.87 -14.63 18.87
N THR B 391 19.06 -14.02 18.80
CA THR B 391 19.30 -12.71 19.46
C THR B 391 18.37 -11.62 18.90
N ILE B 392 18.24 -11.58 17.58
CA ILE B 392 17.32 -10.62 16.96
C ILE B 392 15.90 -10.80 17.49
N ALA B 393 15.40 -12.05 17.50
CA ALA B 393 14.01 -12.35 17.88
C ALA B 393 13.78 -11.94 19.34
N ARG B 394 14.74 -12.28 20.19
CA ARG B 394 14.65 -11.93 21.60
C ARG B 394 14.72 -10.43 21.83
N ASN B 395 15.48 -9.70 21.02
CA ASN B 395 15.62 -8.26 21.27
C ASN B 395 14.40 -7.51 20.76
N ARG B 396 13.85 -8.01 19.66
CA ARG B 396 12.76 -7.30 18.96
C ARG B 396 11.48 -8.11 18.81
N PRO B 397 10.79 -8.42 19.94
CA PRO B 397 9.52 -9.18 19.86
C PRO B 397 8.40 -8.38 19.17
N ASN B 398 8.67 -7.08 18.96
CA ASN B 398 7.73 -6.17 18.30
C ASN B 398 7.82 -6.17 16.77
N MET B 399 8.75 -6.94 16.22
CA MET B 399 8.96 -7.03 14.77
C MET B 399 7.68 -7.41 14.01
N THR B 400 7.35 -6.66 12.95
CA THR B 400 6.16 -6.96 12.19
C THR B 400 6.46 -7.42 10.76
N ARG B 401 7.60 -7.00 10.21
CA ARG B 401 8.02 -7.44 8.86
C ARG B 401 9.49 -7.82 8.90
N PHE B 402 9.79 -9.07 8.56
CA PHE B 402 11.17 -9.54 8.68
C PHE B 402 11.51 -10.29 7.39
N ARG B 403 12.38 -9.69 6.59
CA ARG B 403 12.71 -10.21 5.25
C ARG B 403 14.24 -10.35 5.19
N LEU B 404 14.68 -11.60 5.13
CA LEU B 404 16.10 -11.88 5.17
C LEU B 404 16.52 -12.69 3.96
N CYS B 405 17.42 -12.12 3.18
CA CYS B 405 17.92 -12.74 1.96
C CYS B 405 19.41 -12.98 2.10
N ILE B 406 19.76 -14.25 2.30
CA ILE B 406 21.16 -14.68 2.21
C ILE B 406 21.36 -15.00 0.73
N ILE B 407 22.39 -14.40 0.15
CA ILE B 407 22.63 -14.38 -1.27
C ILE B 407 22.81 -15.82 -1.88
N GLU B 408 23.61 -16.64 -1.23
CA GLU B 408 23.80 -18.00 -1.73
C GLU B 408 22.67 -18.94 -1.33
N PRO B 409 22.00 -19.55 -2.32
CA PRO B 409 20.88 -20.45 -1.96
C PRO B 409 21.36 -21.58 -1.05
N LYS B 410 20.55 -21.92 -0.04
CA LYS B 410 20.80 -23.07 0.84
C LYS B 410 22.05 -22.95 1.72
N ALA B 411 22.55 -21.74 1.92
CA ALA B 411 23.70 -21.56 2.79
C ALA B 411 23.29 -21.88 4.24
N PRO B 412 24.03 -22.80 4.89
CA PRO B 412 23.71 -23.10 6.29
C PRO B 412 24.29 -22.04 7.25
N ASP B 413 23.98 -22.16 8.54
CA ASP B 413 24.67 -21.38 9.58
C ASP B 413 26.19 -21.54 9.34
N TYR B 414 26.97 -20.45 9.19
CA TYR B 414 28.38 -20.66 8.76
C TYR B 414 29.31 -21.16 9.85
N LEU B 415 28.88 -21.00 11.10
CA LEU B 415 29.65 -21.47 12.26
C LEU B 415 29.36 -22.93 12.63
N THR B 416 28.10 -23.35 12.55
CA THR B 416 27.74 -24.71 13.00
C THR B 416 27.39 -25.62 11.84
N LEU B 417 27.09 -25.02 10.68
CA LEU B 417 26.69 -25.73 9.46
C LEU B 417 25.30 -26.34 9.49
N GLU B 418 24.53 -25.94 10.48
CA GLU B 418 23.18 -26.43 10.65
C GLU B 418 22.19 -25.60 9.79
N PRO B 419 21.02 -26.16 9.52
CA PRO B 419 19.99 -25.38 8.83
C PRO B 419 19.63 -24.21 9.71
N LEU B 420 18.98 -23.21 9.12
CA LEU B 420 18.55 -22.04 9.86
C LEU B 420 17.14 -22.19 10.46
N ASP B 421 16.64 -23.44 10.53
CA ASP B 421 15.31 -23.73 11.10
C ASP B 421 15.08 -23.07 12.49
N ILE B 422 16.01 -23.29 13.41
CA ILE B 422 15.77 -22.79 14.79
C ILE B 422 15.82 -21.26 14.87
N GLY B 423 16.62 -20.65 14.00
CA GLY B 423 16.79 -19.20 13.97
C GLY B 423 15.50 -18.56 13.50
N PHE B 424 14.98 -19.03 12.35
CA PHE B 424 13.70 -18.49 11.89
C PHE B 424 12.54 -18.93 12.80
N GLY B 425 12.70 -20.09 13.42
CA GLY B 425 11.70 -20.53 14.43
C GLY B 425 11.61 -19.55 15.58
N ALA B 426 12.76 -19.03 16.03
CA ALA B 426 12.78 -18.04 17.09
C ALA B 426 12.08 -16.75 16.66
N ILE B 427 12.28 -16.33 15.42
CA ILE B 427 11.57 -15.13 14.92
C ILE B 427 10.06 -15.29 14.99
N VAL B 428 9.54 -16.42 14.51
CA VAL B 428 8.07 -16.58 14.51
C VAL B 428 7.52 -16.84 15.91
N GLU B 429 8.36 -17.46 16.74
CA GLU B 429 7.96 -17.74 18.12
C GLU B 429 7.89 -16.44 18.92
N HIS B 430 8.91 -15.60 18.81
CA HIS B 430 9.02 -14.40 19.65
C HIS B 430 8.28 -13.16 19.15
N CYS B 431 8.14 -13.05 17.84
CA CYS B 431 7.53 -11.88 17.19
C CYS B 431 6.07 -12.19 16.89
N LYS B 432 5.22 -12.08 17.91
CA LYS B 432 3.82 -12.55 17.78
C LYS B 432 2.99 -11.79 16.78
N ASP B 433 3.36 -10.54 16.51
CA ASP B 433 2.60 -9.75 15.54
C ASP B 433 3.29 -9.65 14.17
N LEU B 434 4.14 -10.62 13.88
CA LEU B 434 4.85 -10.64 12.59
C LEU B 434 3.82 -10.86 11.46
N ARG B 435 3.70 -9.89 10.56
CA ARG B 435 2.77 -9.98 9.44
C ARG B 435 3.43 -10.43 8.12
N ARG B 436 4.74 -10.35 8.04
CA ARG B 436 5.45 -10.64 6.78
C ARG B 436 6.75 -11.31 7.11
N LEU B 437 7.06 -12.36 6.35
CA LEU B 437 8.31 -13.06 6.54
C LEU B 437 8.83 -13.50 5.16
N SER B 438 10.12 -13.34 4.93
CA SER B 438 10.78 -14.06 3.84
C SER B 438 12.02 -14.75 4.41
N LEU B 439 12.28 -15.97 3.89
CA LEU B 439 13.20 -16.96 4.46
C LEU B 439 14.32 -17.15 3.47
N SER B 440 15.50 -17.56 3.95
CA SER B 440 16.51 -18.07 3.02
C SER B 440 17.51 -18.86 3.82
N GLY B 441 18.56 -19.32 3.15
CA GLY B 441 19.52 -20.21 3.82
C GLY B 441 19.04 -21.65 3.76
N LEU B 442 19.81 -22.55 4.35
CA LEU B 442 19.50 -23.97 4.36
C LEU B 442 18.32 -24.18 5.31
N LEU B 443 17.20 -24.70 4.77
CA LEU B 443 15.98 -24.88 5.56
C LEU B 443 15.34 -26.23 5.26
N THR B 444 14.96 -26.92 6.31
CA THR B 444 14.26 -28.21 6.22
C THR B 444 12.75 -28.04 6.51
N ASP B 445 12.02 -29.14 6.46
CA ASP B 445 10.60 -29.12 6.75
C ASP B 445 10.36 -28.55 8.16
N LYS B 446 11.34 -28.68 9.05
CA LYS B 446 11.19 -28.22 10.44
C LYS B 446 10.87 -26.72 10.60
N VAL B 447 11.50 -25.86 9.80
CA VAL B 447 11.17 -24.44 9.86
C VAL B 447 9.67 -24.16 9.56
N PHE B 448 9.12 -24.90 8.59
CA PHE B 448 7.75 -24.74 8.21
C PHE B 448 6.84 -25.24 9.32
N GLU B 449 7.32 -26.24 10.06
CA GLU B 449 6.58 -26.71 11.26
C GLU B 449 6.51 -25.56 12.28
N TYR B 450 7.65 -24.93 12.55
CA TYR B 450 7.66 -23.76 13.44
C TYR B 450 6.75 -22.64 12.94
N ILE B 451 6.82 -22.33 11.65
CA ILE B 451 5.95 -21.30 11.04
C ILE B 451 4.49 -21.66 11.23
N GLY B 452 4.10 -22.91 10.90
CA GLY B 452 2.69 -23.29 11.11
C GLY B 452 2.24 -23.24 12.58
N THR B 453 3.12 -23.56 13.52
CA THR B 453 2.76 -23.52 14.93
C THR B 453 2.69 -22.09 15.47
N TYR B 454 3.64 -21.26 15.08
CA TYR B 454 3.81 -19.95 15.74
C TYR B 454 3.38 -18.70 14.97
N ALA B 455 3.40 -18.76 13.64
CA ALA B 455 3.22 -17.54 12.83
C ALA B 455 1.73 -17.30 12.52
N LYS B 456 0.96 -17.08 13.58
CA LYS B 456 -0.51 -17.01 13.50
C LYS B 456 -1.04 -15.70 12.94
N LYS B 457 -0.20 -14.65 12.96
CA LYS B 457 -0.55 -13.35 12.37
C LYS B 457 0.09 -13.05 10.99
N MET B 458 0.94 -13.97 10.50
CA MET B 458 1.63 -13.81 9.22
C MET B 458 0.63 -13.80 8.06
N GLU B 459 0.72 -12.76 7.22
CA GLU B 459 -0.16 -12.57 6.08
C GLU B 459 0.54 -12.84 4.76
N MET B 460 1.87 -12.70 4.72
CA MET B 460 2.63 -12.87 3.46
C MET B 460 3.91 -13.62 3.77
N LEU B 461 4.16 -14.71 3.01
CA LEU B 461 5.36 -15.49 3.24
C LEU B 461 6.00 -15.73 1.88
N SER B 462 7.32 -15.55 1.78
CA SER B 462 8.02 -15.75 0.50
C SER B 462 9.09 -16.81 0.81
N VAL B 463 9.21 -17.81 -0.07
CA VAL B 463 10.05 -18.99 0.22
C VAL B 463 10.81 -19.33 -1.09
N ALA B 464 12.13 -19.60 -0.99
CA ALA B 464 12.87 -20.10 -2.15
C ALA B 464 13.90 -21.13 -1.70
N PHE B 465 14.10 -22.16 -2.51
CA PHE B 465 15.18 -23.16 -2.23
C PHE B 465 15.16 -23.67 -0.77
N ALA B 466 14.03 -24.24 -0.37
CA ALA B 466 13.78 -24.56 1.03
C ALA B 466 12.86 -25.75 1.16
N GLY B 467 13.03 -26.48 2.26
CA GLY B 467 12.13 -27.57 2.62
C GLY B 467 12.60 -28.90 2.07
N ASP B 468 11.93 -29.96 2.51
CA ASP B 468 12.32 -31.32 2.08
C ASP B 468 11.21 -32.05 1.34
N SER B 469 9.95 -31.77 1.71
CA SER B 469 8.83 -32.62 1.25
C SER B 469 7.54 -31.84 1.34
N ASP B 470 6.45 -32.43 0.86
CA ASP B 470 5.17 -31.75 0.98
C ASP B 470 4.74 -31.38 2.40
N LEU B 471 5.29 -32.06 3.40
CA LEU B 471 4.94 -31.80 4.82
C LEU B 471 5.24 -30.36 5.13
N GLY B 472 6.30 -29.83 4.50
CA GLY B 472 6.67 -28.42 4.74
C GLY B 472 5.55 -27.45 4.34
N MET B 473 5.08 -27.54 3.10
CA MET B 473 4.00 -26.65 2.70
C MET B 473 2.70 -26.92 3.45
N HIS B 474 2.45 -28.17 3.75
CA HIS B 474 1.28 -28.55 4.54
C HIS B 474 1.25 -27.82 5.88
N HIS B 475 2.37 -27.79 6.59
CA HIS B 475 2.39 -27.12 7.91
C HIS B 475 1.96 -25.65 7.81
N VAL B 476 2.43 -24.98 6.76
CA VAL B 476 2.04 -23.58 6.51
C VAL B 476 0.56 -23.40 6.18
N LEU B 477 0.06 -24.13 5.20
CA LEU B 477 -1.35 -24.00 4.84
C LEU B 477 -2.26 -24.45 5.99
N SER B 478 -1.85 -25.46 6.75
CA SER B 478 -2.70 -25.96 7.84
C SER B 478 -2.66 -25.01 9.06
N GLY B 479 -1.52 -24.39 9.32
CA GLY B 479 -1.33 -23.71 10.61
C GLY B 479 -1.42 -22.18 10.60
N CYS B 480 -1.17 -21.57 9.43
CA CYS B 480 -1.02 -20.09 9.35
C CYS B 480 -2.36 -19.43 9.16
N ASP B 481 -3.01 -19.18 10.31
CA ASP B 481 -4.37 -18.66 10.33
C ASP B 481 -4.61 -17.41 9.47
N SER B 482 -3.65 -16.49 9.42
CA SER B 482 -3.87 -15.18 8.83
C SER B 482 -3.36 -15.07 7.40
N LEU B 483 -2.84 -16.17 6.88
CA LEU B 483 -2.16 -16.17 5.58
C LEU B 483 -3.01 -15.58 4.44
N ARG B 484 -2.44 -14.62 3.73
CA ARG B 484 -3.13 -14.03 2.59
C ARG B 484 -2.38 -14.28 1.27
N LYS B 485 -1.05 -14.23 1.29
CA LYS B 485 -0.29 -14.50 0.04
C LYS B 485 0.85 -15.43 0.39
N LEU B 486 0.98 -16.52 -0.35
CA LEU B 486 2.11 -17.42 -0.18
C LEU B 486 2.79 -17.53 -1.58
N GLU B 487 4.12 -17.37 -1.64
CA GLU B 487 4.79 -17.33 -2.97
C GLU B 487 6.05 -18.15 -2.80
N ILE B 488 6.18 -19.17 -3.66
CA ILE B 488 7.21 -20.21 -3.43
C ILE B 488 7.92 -20.46 -4.73
N ARG B 489 9.27 -20.60 -4.68
CA ARG B 489 9.95 -21.03 -5.91
C ARG B 489 10.98 -22.09 -5.53
N ASP B 490 11.15 -23.07 -6.40
CA ASP B 490 12.29 -24.01 -6.28
C ASP B 490 12.31 -24.76 -4.96
N CYS B 491 11.16 -25.32 -4.57
CA CYS B 491 11.04 -26.10 -3.35
C CYS B 491 10.40 -27.44 -3.72
N PRO B 492 10.74 -28.51 -2.99
CA PRO B 492 10.16 -29.85 -3.23
C PRO B 492 8.74 -30.01 -2.64
N PHE B 493 7.84 -29.13 -3.06
CA PHE B 493 6.46 -29.07 -2.63
C PHE B 493 5.63 -29.32 -3.88
N GLY B 494 4.56 -30.10 -3.73
CA GLY B 494 3.90 -30.62 -4.92
C GLY B 494 2.43 -30.84 -4.74
N ASP B 495 1.99 -31.94 -5.31
CA ASP B 495 0.57 -32.24 -5.37
C ASP B 495 -0.05 -32.46 -4.00
N LYS B 496 0.68 -33.13 -3.11
CA LYS B 496 0.07 -33.68 -1.89
C LYS B 496 -0.37 -32.57 -0.94
N ALA B 497 0.51 -31.60 -0.66
CA ALA B 497 0.12 -30.51 0.25
C ALA B 497 -0.90 -29.60 -0.37
N LEU B 498 -0.79 -29.38 -1.68
CA LEU B 498 -1.70 -28.46 -2.38
C LEU B 498 -3.14 -28.98 -2.35
N LEU B 499 -3.31 -30.25 -2.69
CA LEU B 499 -4.68 -30.77 -2.77
C LEU B 499 -5.21 -31.08 -1.36
N ALA B 500 -4.34 -31.45 -0.43
CA ALA B 500 -4.79 -31.73 0.95
C ALA B 500 -5.33 -30.48 1.66
N ASN B 501 -4.89 -29.32 1.19
CA ASN B 501 -5.30 -28.05 1.76
C ASN B 501 -6.03 -27.16 0.78
N ALA B 502 -6.76 -27.75 -0.20
CA ALA B 502 -7.41 -26.95 -1.22
C ALA B 502 -8.35 -25.87 -0.65
N SER B 503 -9.14 -26.18 0.38
CA SER B 503 -10.11 -25.19 0.90
C SER B 503 -9.44 -23.95 1.49
N LYS B 504 -8.21 -24.13 1.99
CA LYS B 504 -7.43 -23.01 2.54
C LYS B 504 -7.26 -21.89 1.49
N LEU B 505 -7.13 -22.30 0.22
CA LEU B 505 -6.87 -21.38 -0.89
C LEU B 505 -7.99 -20.37 -1.09
N GLU B 506 -9.22 -20.73 -0.68
CA GLU B 506 -10.35 -19.78 -0.78
C GLU B 506 -10.28 -18.68 0.28
N THR B 507 -9.35 -18.80 1.23
CA THR B 507 -9.15 -17.81 2.30
C THR B 507 -7.97 -16.88 2.07
N MET B 508 -7.31 -17.01 0.91
CA MET B 508 -6.09 -16.29 0.58
C MET B 508 -6.29 -15.46 -0.69
N ARG B 509 -5.54 -14.38 -0.85
CA ARG B 509 -5.53 -13.70 -2.16
C ARG B 509 -4.99 -14.64 -3.26
N SER B 510 -3.86 -15.33 -2.98
CA SER B 510 -3.22 -16.10 -4.05
C SER B 510 -2.14 -17.02 -3.53
N LEU B 511 -1.82 -18.04 -4.33
CA LEU B 511 -0.69 -18.90 -4.08
C LEU B 511 0.10 -18.95 -5.40
N TRP B 512 1.40 -18.67 -5.33
CA TRP B 512 2.31 -18.77 -6.51
C TRP B 512 3.30 -19.89 -6.24
N MET B 513 3.44 -20.83 -7.17
CA MET B 513 4.48 -21.85 -7.06
C MET B 513 5.15 -22.00 -8.41
N SER B 514 6.46 -21.72 -8.44
CA SER B 514 7.23 -21.92 -9.68
C SER B 514 8.41 -22.83 -9.44
N SER B 515 8.74 -23.63 -10.45
CA SER B 515 9.83 -24.59 -10.35
C SER B 515 9.75 -25.49 -9.12
N CYS B 516 8.52 -25.85 -8.74
CA CYS B 516 8.27 -26.80 -7.64
C CYS B 516 7.92 -28.15 -8.26
N SER B 517 7.17 -28.98 -7.52
CA SER B 517 6.84 -30.32 -8.04
C SER B 517 5.38 -30.55 -8.41
N VAL B 518 4.62 -29.50 -8.64
CA VAL B 518 3.19 -29.67 -8.85
C VAL B 518 2.94 -30.18 -10.28
N SER B 519 2.23 -31.31 -10.40
CA SER B 519 2.04 -31.93 -11.72
C SER B 519 0.89 -31.27 -12.45
N PHE B 520 0.85 -31.43 -13.76
CA PHE B 520 -0.30 -30.94 -14.49
C PHE B 520 -1.61 -31.64 -14.02
N GLY B 521 -1.54 -32.94 -13.78
CA GLY B 521 -2.70 -33.68 -13.24
C GLY B 521 -3.29 -33.08 -11.96
N ALA B 522 -2.42 -32.63 -11.05
CA ALA B 522 -2.93 -32.05 -9.79
C ALA B 522 -3.58 -30.70 -10.05
N CYS B 523 -3.00 -29.92 -10.95
CA CYS B 523 -3.56 -28.63 -11.35
C CYS B 523 -4.96 -28.84 -11.95
N LYS B 524 -5.10 -29.80 -12.85
CA LYS B 524 -6.43 -30.12 -13.39
C LYS B 524 -7.42 -30.52 -12.30
N LEU B 525 -6.99 -31.42 -11.42
CA LEU B 525 -7.91 -31.86 -10.37
C LEU B 525 -8.28 -30.73 -9.43
N LEU B 526 -7.32 -29.88 -9.07
CA LEU B 526 -7.62 -28.72 -8.22
C LEU B 526 -8.64 -27.78 -8.87
N GLY B 527 -8.46 -27.53 -10.17
CA GLY B 527 -9.42 -26.72 -10.94
C GLY B 527 -10.82 -27.30 -10.95
N GLN B 528 -10.91 -28.62 -11.08
CA GLN B 528 -12.18 -29.37 -11.02
C GLN B 528 -12.87 -29.20 -9.67
N LYS B 529 -12.08 -29.45 -8.64
CA LYS B 529 -12.56 -29.43 -7.27
C LYS B 529 -13.03 -28.03 -6.82
N MET B 530 -12.32 -26.99 -7.27
CA MET B 530 -12.47 -25.64 -6.73
C MET B 530 -12.85 -24.68 -7.85
N PRO B 531 -14.11 -24.74 -8.33
CA PRO B 531 -14.46 -23.89 -9.45
C PRO B 531 -14.37 -22.39 -9.16
N LYS B 532 -14.33 -21.98 -7.89
CA LYS B 532 -14.22 -20.52 -7.59
C LYS B 532 -12.77 -20.03 -7.48
N LEU B 533 -11.82 -20.92 -7.73
CA LEU B 533 -10.44 -20.55 -7.93
C LEU B 533 -10.11 -20.51 -9.43
N ASN B 534 -9.23 -19.59 -9.83
CA ASN B 534 -8.60 -19.69 -11.13
C ASN B 534 -7.28 -20.35 -10.90
N VAL B 535 -7.12 -21.53 -11.49
CA VAL B 535 -5.87 -22.27 -11.37
C VAL B 535 -5.19 -22.11 -12.72
N GLU B 536 -4.16 -21.26 -12.77
CA GLU B 536 -3.50 -20.92 -14.02
C GLU B 536 -2.12 -21.59 -14.12
N VAL B 537 -1.97 -22.47 -15.08
CA VAL B 537 -0.69 -23.05 -15.45
C VAL B 537 0.02 -22.10 -16.42
N ILE B 538 1.22 -21.67 -16.05
CA ILE B 538 1.95 -20.67 -16.83
C ILE B 538 3.21 -21.39 -17.24
N ASP B 539 3.27 -21.76 -18.52
CA ASP B 539 4.25 -22.72 -18.98
C ASP B 539 4.54 -22.43 -20.45
N GLU B 540 5.81 -22.22 -20.74
CA GLU B 540 6.21 -21.85 -22.08
C GLU B 540 6.59 -23.02 -23.00
N ARG B 541 6.37 -24.25 -22.57
CA ARG B 541 6.71 -25.40 -23.41
C ARG B 541 5.57 -25.85 -24.34
N GLY B 542 4.53 -25.04 -24.55
CA GLY B 542 3.39 -25.53 -25.36
C GLY B 542 2.38 -26.31 -24.49
N ALA B 543 1.34 -26.86 -25.12
CA ALA B 543 0.20 -27.45 -24.40
C ALA B 543 0.63 -28.46 -23.32
N PRO B 544 0.14 -28.31 -22.07
CA PRO B 544 0.54 -29.25 -21.00
C PRO B 544 0.05 -30.66 -21.28
N ASP B 545 -1.06 -30.75 -22.04
CA ASP B 545 -1.58 -31.99 -22.64
C ASP B 545 -0.55 -32.76 -23.46
N SER B 546 0.46 -32.06 -23.98
CA SER B 546 1.46 -32.71 -24.86
C SER B 546 2.47 -33.50 -24.05
N ARG B 547 2.34 -33.45 -22.72
CA ARG B 547 3.24 -34.13 -21.79
C ARG B 547 2.43 -34.99 -20.82
N PRO B 548 3.05 -36.02 -20.23
CA PRO B 548 2.36 -36.85 -19.25
C PRO B 548 1.73 -36.00 -18.15
N GLU B 549 0.58 -36.44 -17.64
CA GLU B 549 -0.14 -35.74 -16.55
C GLU B 549 0.76 -35.53 -15.33
N SER B 550 1.68 -36.45 -15.13
CA SER B 550 2.56 -36.39 -13.95
C SER B 550 3.70 -35.36 -14.06
N CYS B 551 3.92 -34.81 -15.26
CA CYS B 551 5.02 -33.82 -15.43
C CYS B 551 4.75 -32.50 -14.71
N PRO B 552 5.71 -32.08 -13.86
CA PRO B 552 5.52 -30.77 -13.21
C PRO B 552 5.37 -29.63 -14.19
N VAL B 553 4.51 -28.67 -13.86
CA VAL B 553 4.34 -27.45 -14.66
C VAL B 553 5.49 -26.51 -14.29
N GLU B 554 5.87 -25.62 -15.21
CA GLU B 554 6.89 -24.62 -14.89
C GLU B 554 6.41 -23.73 -13.72
N ARG B 555 5.15 -23.26 -13.81
CA ARG B 555 4.58 -22.38 -12.77
C ARG B 555 3.12 -22.67 -12.68
N VAL B 556 2.59 -22.47 -11.47
CA VAL B 556 1.16 -22.43 -11.27
C VAL B 556 0.85 -21.21 -10.38
N PHE B 557 -0.16 -20.46 -10.80
CA PHE B 557 -0.65 -19.32 -10.03
C PHE B 557 -2.14 -19.53 -9.77
N ILE B 558 -2.52 -19.51 -8.50
CA ILE B 558 -3.88 -19.87 -8.07
C ILE B 558 -4.45 -18.71 -7.32
N TYR B 559 -5.65 -18.25 -7.67
CA TYR B 559 -6.25 -17.15 -6.92
C TYR B 559 -7.78 -17.30 -6.93
N ARG B 560 -8.38 -17.09 -5.76
CA ARG B 560 -9.83 -16.99 -5.63
C ARG B 560 -10.38 -15.80 -6.43
N THR B 561 -11.58 -15.97 -7.00
CA THR B 561 -12.16 -14.92 -7.85
C THR B 561 -13.67 -15.08 -7.89
N VAL B 562 -14.39 -13.96 -7.99
CA VAL B 562 -15.84 -14.03 -8.20
C VAL B 562 -16.18 -13.86 -9.67
N ALA B 563 -15.16 -13.66 -10.50
CA ALA B 563 -15.35 -13.33 -11.91
C ALA B 563 -15.22 -14.54 -12.81
N GLY B 564 -14.59 -15.61 -12.32
CA GLY B 564 -14.42 -16.79 -13.14
C GLY B 564 -13.17 -16.63 -13.99
N PRO B 565 -12.96 -17.57 -14.93
CA PRO B 565 -11.80 -17.49 -15.81
C PRO B 565 -11.68 -16.13 -16.53
N ARG B 566 -10.44 -15.67 -16.59
CA ARG B 566 -9.93 -14.50 -17.30
C ARG B 566 -10.16 -14.54 -18.80
N PHE B 567 -10.41 -13.38 -19.41
CA PHE B 567 -10.70 -13.34 -20.86
C PHE B 567 -9.46 -12.97 -21.69
N ASP B 568 -8.36 -12.72 -21.00
CA ASP B 568 -7.18 -12.16 -21.65
C ASP B 568 -5.92 -12.98 -21.44
N MET B 569 -6.05 -14.31 -21.36
CA MET B 569 -4.84 -15.15 -21.17
C MET B 569 -4.08 -15.25 -22.49
N PRO B 570 -2.74 -15.18 -22.43
CA PRO B 570 -1.92 -15.37 -23.61
C PRO B 570 -1.88 -16.87 -23.89
N GLY B 571 -1.13 -17.24 -24.92
CA GLY B 571 -1.10 -18.61 -25.42
C GLY B 571 -0.44 -19.58 -24.47
N PHE B 572 0.34 -19.05 -23.53
CA PHE B 572 1.13 -19.85 -22.61
C PHE B 572 0.49 -19.88 -21.22
N VAL B 573 -0.75 -19.42 -21.13
CA VAL B 573 -1.48 -19.59 -19.88
C VAL B 573 -2.75 -20.42 -20.12
N TRP B 574 -3.02 -21.37 -19.20
CA TRP B 574 -4.19 -22.23 -19.25
C TRP B 574 -4.92 -22.21 -17.92
N ASN B 575 -6.23 -21.98 -17.94
CA ASN B 575 -7.02 -22.02 -16.76
C ASN B 575 -7.55 -23.46 -16.63
N MET B 576 -7.45 -24.03 -15.43
CA MET B 576 -7.91 -25.40 -15.28
C MET B 576 -9.44 -25.35 -15.11
N GLN C 1 24.48 -20.41 -10.99
CA GLN C 1 23.67 -19.18 -11.26
C GLN C 1 22.19 -19.53 -11.37
N VAL C 2 21.31 -18.62 -10.97
CA VAL C 2 19.86 -18.89 -10.93
C VAL C 2 19.02 -17.70 -11.40
N VAL C 3 18.00 -17.98 -12.21
CA VAL C 3 17.07 -16.95 -12.73
C VAL C 3 16.26 -16.25 -11.61
N GLY C 4 16.30 -14.91 -11.55
CA GLY C 4 15.55 -14.14 -10.54
C GLY C 4 16.10 -14.23 -9.13
N TRP C 5 17.30 -14.82 -9.00
CA TRP C 5 18.01 -14.90 -7.72
C TRP C 5 19.42 -14.26 -7.83
N PRO C 6 19.79 -13.41 -6.84
CA PRO C 6 19.01 -13.05 -5.67
C PRO C 6 17.81 -12.19 -6.07
N PRO C 7 16.78 -12.09 -5.20
CA PRO C 7 15.56 -11.40 -5.59
C PRO C 7 15.66 -9.85 -5.51
N VAL C 8 16.26 -9.29 -6.57
CA VAL C 8 16.53 -7.85 -6.66
C VAL C 8 16.14 -7.39 -8.04
N ARG C 9 15.93 -6.09 -8.21
CA ARG C 9 15.57 -5.56 -9.52
C ARG C 9 16.78 -5.06 -10.35
N ASN C 10 17.97 -5.07 -9.73
CA ASN C 10 19.25 -4.71 -10.37
C ASN C 10 19.49 -5.42 -11.70
N TYR C 11 20.00 -4.68 -12.70
CA TYR C 11 20.54 -5.29 -13.89
C TYR C 11 21.73 -6.15 -13.50
N ARG C 12 21.93 -7.26 -14.23
CA ARG C 12 23.20 -7.97 -14.12
C ARG C 12 24.22 -7.19 -14.96
N LYS C 13 25.49 -7.21 -14.58
CA LYS C 13 26.45 -6.32 -15.23
C LYS C 13 27.59 -7.04 -15.93
C1 IHP D . 1.52 -5.12 0.51
C2 IHP D . 1.84 -3.94 1.41
C3 IHP D . 3.31 -3.99 1.80
C4 IHP D . 4.19 -3.88 0.54
C5 IHP D . 3.94 -5.07 -0.40
C6 IHP D . 2.44 -5.19 -0.73
O11 IHP D . 0.20 -4.87 0.04
P1 IHP D . -1.15 -5.66 0.44
O21 IHP D . -2.06 -5.55 -0.75
O31 IHP D . -0.80 -7.17 0.85
O41 IHP D . -1.57 -5.00 1.81
O12 IHP D . 1.67 -2.75 0.67
P2 IHP D . 0.35 -1.71 0.61
O22 IHP D . -0.03 -1.55 -0.84
O32 IHP D . -0.83 -2.31 1.59
O42 IHP D . 0.92 -0.40 1.30
O13 IHP D . 3.52 -2.83 2.60
P3 IHP D . 3.25 -2.83 4.22
O23 IHP D . 1.89 -3.23 4.69
O33 IHP D . 3.71 -1.36 4.75
O43 IHP D . 4.40 -3.86 4.72
O14 IHP D . 5.53 -3.96 0.98
P4 IHP D . 6.72 -2.94 0.63
O24 IHP D . 7.95 -3.66 0.16
O34 IHP D . 6.20 -1.79 -0.35
O44 IHP D . 6.93 -2.17 1.96
O15 IHP D . 4.69 -4.88 -1.62
P5 IHP D . 5.76 -6.02 -2.19
O25 IHP D . 5.02 -7.30 -2.22
O35 IHP D . 6.91 -5.92 -1.18
O45 IHP D . 6.10 -5.37 -3.55
O16 IHP D . 2.15 -6.41 -1.42
P6 IHP D . 1.76 -6.44 -2.98
O26 IHP D . 1.48 -5.06 -3.56
O36 IHP D . 0.52 -7.46 -2.96
O46 IHP D . 3.00 -7.15 -3.60
C IAC E . 12.98 -14.67 -0.30
C1 IAC E . 12.89 -13.40 -0.86
C2 IAC E . 12.20 -13.17 -2.09
C3 IAC E . 11.59 -14.26 -2.73
C4 IAC E . 11.70 -15.53 -2.15
C5 IAC E . 12.35 -15.76 -0.92
C7 IAC E . 13.60 -12.55 0.01
C8 IAC E . 14.08 -13.31 1.03
C17 IAC E . 13.83 -11.02 -0.15
C18 IAC E . 12.49 -10.26 -0.08
N IAC E . 13.70 -14.60 0.83
O2 IAC E . 12.30 -9.44 -0.98
O3 IAC E . 11.70 -10.49 0.85
#